data_8VW6
#
_entry.id   8VW6
#
_cell.length_a   56.859
_cell.length_b   81.631
_cell.length_c   299.15
_cell.angle_alpha   90
_cell.angle_beta   90
_cell.angle_gamma   90
#
_symmetry.space_group_name_H-M   'C 2 2 21'
#
loop_
_entity.id
_entity.type
_entity.pdbx_description
1 polymer 'Alkanesulfonate monooxygenase'
2 water water
#
_entity_poly.entity_id   1
_entity_poly.type   'polypeptide(L)'
_entity_poly.pdbx_seq_one_letter_code
;MGSSHHHHHHSSGLVPRGSHMHFGYWTPIYGGFLRNLGDEGMPATWDYVKKLSQLADRLGYHTTLVPELYLNDRKGVDAP
SLEAWSLSSAILAVTEQLRVMTAVRPGFHLPAVTAKESATITDIAGTTEAGAARFALNVVAAWWEEEARQYGGAFTRHDD
RYRQATEFVDVLRGLWEHTPFTYEGEHFSVRDSILSPKPGVHPPVFAGGESESGRDSIATFADSYVLHGGTVEEVRTKIA
DMNARSQRIHQRDMAEFGMSTYIIVRDTEAEARAELARITTVDPHSPGYASFEEFVKNSELDVELSKREYSVGTRGLRPD
LVGTPEQVAEKIRAYQDAGLTLLLIQCSPAHEELERIAEQVFPLVPAREYLSTTGG
;
_entity_poly.pdbx_strand_id   A,B
#
# COMPACT_ATOMS: atom_id res chain seq x y z
N MET A 21 -11.97 28.21 -4.47
CA MET A 21 -10.82 27.68 -5.21
C MET A 21 -9.86 26.97 -4.25
N HIS A 22 -9.76 25.64 -4.39
CA HIS A 22 -8.87 24.83 -3.57
C HIS A 22 -7.52 24.71 -4.28
N PHE A 23 -6.42 24.90 -3.54
CA PHE A 23 -5.08 24.80 -4.12
C PHE A 23 -4.45 23.46 -3.80
N GLY A 24 -4.15 22.69 -4.85
CA GLY A 24 -3.50 21.40 -4.75
C GLY A 24 -2.18 21.37 -5.48
N TYR A 25 -1.49 20.22 -5.45
CA TYR A 25 -0.20 20.09 -6.12
C TYR A 25 0.15 18.63 -6.44
N TRP A 26 1.03 18.42 -7.42
CA TRP A 26 1.47 17.08 -7.78
C TRP A 26 2.62 16.66 -6.85
N THR A 27 2.55 15.45 -6.29
CA THR A 27 3.64 14.95 -5.45
C THR A 27 4.77 14.54 -6.41
N PRO A 28 6.03 15.02 -6.23
CA PRO A 28 7.09 14.63 -7.15
C PRO A 28 7.63 13.23 -6.86
N ILE A 29 7.11 12.24 -7.59
CA ILE A 29 7.52 10.83 -7.44
C ILE A 29 8.59 10.41 -8.47
N TYR A 30 8.96 11.29 -9.43
CA TYR A 30 9.94 11.00 -10.46
C TYR A 30 11.22 11.84 -10.33
N GLY A 31 11.39 12.59 -9.25
CA GLY A 31 12.54 13.47 -9.08
C GLY A 31 12.42 14.77 -9.87
N GLY A 32 11.19 15.22 -10.12
CA GLY A 32 10.90 16.43 -10.87
C GLY A 32 9.79 16.26 -11.89
N PHE A 33 9.45 17.36 -12.59
CA PHE A 33 8.42 17.37 -13.63
C PHE A 33 8.91 17.87 -15.00
N LEU A 34 10.18 18.30 -15.12
CA LEU A 34 10.72 18.86 -16.37
C LEU A 34 11.48 17.82 -17.17
N ARG A 35 10.97 17.49 -18.37
CA ARG A 35 11.58 16.48 -19.23
C ARG A 35 12.86 16.95 -19.93
N ASN A 36 13.05 18.27 -20.08
CA ASN A 36 14.24 18.83 -20.75
C ASN A 36 15.48 18.91 -19.84
N LEU A 37 15.27 19.02 -18.52
CA LEU A 37 16.33 19.16 -17.51
C LEU A 37 16.45 17.89 -16.65
N GLY A 38 17.53 17.80 -15.86
CA GLY A 38 17.75 16.66 -14.98
C GLY A 38 17.45 16.97 -13.53
N ASP A 39 18.43 17.49 -12.78
CA ASP A 39 18.22 17.77 -11.35
C ASP A 39 17.39 19.02 -11.12
N GLU A 40 16.33 18.89 -10.29
CA GLU A 40 15.46 20.00 -9.91
C GLU A 40 15.40 20.21 -8.38
N GLY A 41 16.38 19.68 -7.64
CA GLY A 41 16.40 19.78 -6.19
C GLY A 41 15.19 19.10 -5.55
N MET A 42 14.65 18.06 -6.21
CA MET A 42 13.48 17.33 -5.75
C MET A 42 13.80 15.82 -5.83
N PRO A 43 14.65 15.27 -4.94
CA PRO A 43 14.97 13.82 -5.04
C PRO A 43 13.73 12.94 -4.90
N ALA A 44 13.71 11.79 -5.60
CA ALA A 44 12.59 10.85 -5.52
C ALA A 44 12.76 9.93 -4.31
N THR A 45 12.90 10.53 -3.11
CA THR A 45 13.09 9.82 -1.85
C THR A 45 11.99 10.18 -0.86
N TRP A 46 11.76 9.31 0.13
CA TRP A 46 10.79 9.56 1.18
C TRP A 46 11.22 10.77 2.01
N ASP A 47 12.54 10.97 2.23
CA ASP A 47 13.05 12.11 2.98
C ASP A 47 12.54 13.44 2.41
N TYR A 48 12.58 13.58 1.07
CA TYR A 48 12.10 14.80 0.44
C TYR A 48 10.57 14.86 0.45
N VAL A 49 9.90 13.75 0.11
CA VAL A 49 8.44 13.71 0.04
C VAL A 49 7.81 14.04 1.41
N LYS A 50 8.37 13.52 2.51
CA LYS A 50 7.85 13.79 3.84
C LYS A 50 7.97 15.28 4.16
N LYS A 51 9.14 15.88 3.88
CA LYS A 51 9.35 17.31 4.12
C LYS A 51 8.37 18.15 3.31
N LEU A 52 8.19 17.81 2.02
CA LEU A 52 7.28 18.53 1.14
C LEU A 52 5.82 18.38 1.57
N SER A 53 5.39 17.17 1.91
CA SER A 53 4.00 16.94 2.31
C SER A 53 3.67 17.64 3.60
N GLN A 54 4.58 17.60 4.58
CA GLN A 54 4.35 18.26 5.87
C GLN A 54 4.34 19.78 5.70
N LEU A 55 5.20 20.32 4.83
CA LEU A 55 5.23 21.77 4.56
C LEU A 55 3.91 22.21 3.92
N ALA A 56 3.49 21.51 2.85
CA ALA A 56 2.25 21.84 2.13
C ALA A 56 1.03 21.74 3.04
N ASP A 57 0.98 20.72 3.90
CA ASP A 57 -0.10 20.54 4.86
C ASP A 57 -0.20 21.74 5.81
N ARG A 58 0.96 22.25 6.29
CA ARG A 58 1.01 23.40 7.18
C ARG A 58 0.64 24.69 6.47
N LEU A 59 1.02 24.84 5.19
CA LEU A 59 0.74 26.04 4.42
C LEU A 59 -0.74 26.21 4.06
N GLY A 60 -1.50 25.12 4.02
CA GLY A 60 -2.92 25.16 3.71
C GLY A 60 -3.30 24.61 2.35
N TYR A 61 -2.48 23.71 1.78
CA TYR A 61 -2.81 23.08 0.50
C TYR A 61 -3.90 22.05 0.77
N HIS A 62 -4.93 22.04 -0.07
CA HIS A 62 -6.08 21.17 0.12
C HIS A 62 -5.80 19.71 -0.29
N THR A 63 -5.21 19.48 -1.48
CA THR A 63 -5.01 18.13 -2.02
C THR A 63 -3.64 17.96 -2.69
N THR A 64 -3.17 16.71 -2.78
CA THR A 64 -1.95 16.36 -3.51
C THR A 64 -2.26 15.15 -4.39
N LEU A 65 -1.87 15.21 -5.66
CA LEU A 65 -2.09 14.10 -6.59
C LEU A 65 -0.82 13.28 -6.67
N VAL A 66 -0.93 11.97 -6.39
CA VAL A 66 0.19 11.05 -6.46
C VAL A 66 -0.05 10.17 -7.69
N PRO A 67 0.64 10.40 -8.84
CA PRO A 67 0.36 9.56 -10.02
C PRO A 67 0.81 8.11 -9.84
N GLU A 68 0.22 7.19 -10.59
CA GLU A 68 0.58 5.77 -10.48
C GLU A 68 1.23 5.31 -11.77
N LEU A 69 2.55 5.11 -11.72
CA LEU A 69 3.32 4.58 -12.84
C LEU A 69 4.53 3.87 -12.25
N TYR A 70 4.78 2.65 -12.70
CA TYR A 70 5.90 1.87 -12.20
C TYR A 70 7.21 2.12 -12.98
N LEU A 71 7.22 3.09 -13.93
CA LEU A 71 8.39 3.53 -14.68
C LEU A 71 8.39 5.06 -14.69
N ASN A 72 9.58 5.65 -14.64
CA ASN A 72 9.71 7.10 -14.60
C ASN A 72 9.43 7.72 -15.98
N ASP A 73 8.23 8.32 -16.16
CA ASP A 73 7.88 8.94 -17.44
C ASP A 73 8.36 10.40 -17.56
N ARG A 74 9.15 10.92 -16.60
CA ARG A 74 9.65 12.30 -16.65
C ARG A 74 11.18 12.41 -16.82
N LYS A 75 11.97 11.40 -16.37
CA LYS A 75 13.44 11.43 -16.44
C LYS A 75 14.08 10.19 -17.10
N GLY A 76 13.28 9.31 -17.69
CA GLY A 76 13.78 8.09 -18.33
C GLY A 76 13.37 6.85 -17.57
N VAL A 77 13.04 5.78 -18.30
CA VAL A 77 12.58 4.52 -17.69
C VAL A 77 13.49 4.01 -16.56
N ASP A 78 14.81 4.18 -16.67
CA ASP A 78 15.77 3.70 -15.66
C ASP A 78 16.01 4.69 -14.49
N ALA A 79 15.36 5.86 -14.49
CA ALA A 79 15.57 6.84 -13.42
C ALA A 79 14.79 6.46 -12.13
N PRO A 80 15.25 6.80 -10.90
CA PRO A 80 14.48 6.41 -9.70
C PRO A 80 13.06 6.97 -9.64
N SER A 81 12.09 6.13 -9.20
CA SER A 81 10.68 6.50 -9.06
C SER A 81 10.07 5.83 -7.80
N LEU A 82 9.09 6.49 -7.16
CA LEU A 82 8.41 5.96 -5.97
C LEU A 82 7.04 5.35 -6.34
N GLU A 83 6.59 4.33 -5.58
CA GLU A 83 5.31 3.65 -5.79
C GLU A 83 4.19 4.49 -5.15
N ALA A 84 3.08 4.70 -5.89
CA ALA A 84 1.97 5.56 -5.47
C ALA A 84 1.22 5.16 -4.17
N TRP A 85 0.71 3.91 -4.06
CA TRP A 85 -0.10 3.51 -2.92
C TRP A 85 0.64 3.46 -1.58
N SER A 86 1.88 2.95 -1.55
CA SER A 86 2.66 2.91 -0.32
C SER A 86 3.06 4.31 0.12
N LEU A 87 3.43 5.17 -0.85
CA LEU A 87 3.81 6.55 -0.54
C LEU A 87 2.59 7.31 -0.04
N SER A 88 1.43 7.12 -0.66
CA SER A 88 0.19 7.80 -0.26
C SER A 88 -0.21 7.45 1.17
N SER A 89 -0.13 6.17 1.54
CA SER A 89 -0.45 5.71 2.89
C SER A 89 0.52 6.33 3.90
N ALA A 90 1.81 6.38 3.56
CA ALA A 90 2.83 6.97 4.44
C ALA A 90 2.64 8.49 4.59
N ILE A 91 2.25 9.20 3.50
CA ILE A 91 2.02 10.66 3.56
C ILE A 91 0.87 10.94 4.52
N LEU A 92 -0.23 10.22 4.38
CA LEU A 92 -1.39 10.43 5.23
C LEU A 92 -1.13 10.14 6.71
N ALA A 93 -0.21 9.21 7.02
CA ALA A 93 0.14 8.92 8.41
C ALA A 93 0.95 10.05 9.07
N VAL A 94 1.64 10.90 8.27
CA VAL A 94 2.49 12.00 8.77
C VAL A 94 1.94 13.41 8.49
N THR A 95 0.67 13.52 8.02
CA THR A 95 0.00 14.81 7.76
C THR A 95 -1.34 14.84 8.54
N GLU A 96 -1.97 16.03 8.66
CA GLU A 96 -3.21 16.21 9.43
C GLU A 96 -4.43 16.61 8.60
N GLN A 97 -4.28 17.56 7.65
CA GLN A 97 -5.40 18.05 6.84
C GLN A 97 -5.28 17.80 5.33
N LEU A 98 -4.05 17.66 4.79
CA LEU A 98 -3.85 17.46 3.35
C LEU A 98 -4.51 16.18 2.83
N ARG A 99 -5.35 16.30 1.79
CA ARG A 99 -6.00 15.15 1.15
C ARG A 99 -5.03 14.53 0.15
N VAL A 100 -4.96 13.19 0.07
CA VAL A 100 -4.09 12.52 -0.91
C VAL A 100 -4.94 11.82 -1.97
N MET A 101 -4.93 12.36 -3.19
CA MET A 101 -5.62 11.80 -4.35
C MET A 101 -4.60 10.87 -5.01
N THR A 102 -4.89 9.57 -5.02
CA THR A 102 -3.97 8.56 -5.56
C THR A 102 -4.53 7.96 -6.83
N ALA A 103 -3.70 7.89 -7.89
CA ALA A 103 -4.15 7.29 -9.14
C ALA A 103 -4.20 5.77 -9.06
N VAL A 104 -5.07 5.17 -9.86
CA VAL A 104 -5.28 3.73 -9.87
C VAL A 104 -5.67 3.27 -11.28
N ARG A 105 -4.98 2.25 -11.80
CA ARG A 105 -5.28 1.70 -13.12
C ARG A 105 -6.01 0.38 -12.92
N PRO A 106 -7.25 0.19 -13.39
CA PRO A 106 -7.93 -1.11 -13.21
C PRO A 106 -7.13 -2.34 -13.66
N GLY A 107 -6.36 -2.21 -14.73
CA GLY A 107 -5.56 -3.30 -15.25
C GLY A 107 -4.46 -3.80 -14.34
N PHE A 108 -4.04 -3.01 -13.35
CA PHE A 108 -3.00 -3.40 -12.39
C PHE A 108 -3.57 -3.74 -11.00
N HIS A 109 -4.90 -3.69 -10.79
CA HIS A 109 -5.48 -3.89 -9.48
C HIS A 109 -6.70 -4.80 -9.49
N LEU A 110 -6.99 -5.42 -8.33
CA LEU A 110 -8.20 -6.21 -8.10
C LEU A 110 -9.15 -5.22 -7.38
N PRO A 111 -10.36 -4.91 -7.90
CA PRO A 111 -11.20 -3.91 -7.22
C PRO A 111 -11.62 -4.25 -5.80
N ALA A 112 -11.76 -5.54 -5.47
CA ALA A 112 -12.13 -5.95 -4.13
C ALA A 112 -10.99 -5.64 -3.14
N VAL A 113 -9.73 -5.94 -3.54
CA VAL A 113 -8.55 -5.67 -2.71
C VAL A 113 -8.37 -4.14 -2.61
N THR A 114 -8.54 -3.43 -3.72
CA THR A 114 -8.42 -1.97 -3.75
C THR A 114 -9.45 -1.32 -2.82
N ALA A 115 -10.70 -1.83 -2.79
CA ALA A 115 -11.72 -1.27 -1.90
C ALA A 115 -11.33 -1.43 -0.44
N LYS A 116 -10.75 -2.59 -0.08
CA LYS A 116 -10.29 -2.86 1.29
C LYS A 116 -9.11 -1.95 1.64
N GLU A 117 -8.12 -1.84 0.74
CA GLU A 117 -6.95 -0.99 0.96
C GLU A 117 -7.38 0.46 1.13
N SER A 118 -8.35 0.92 0.31
CA SER A 118 -8.89 2.28 0.38
C SER A 118 -9.60 2.53 1.71
N ALA A 119 -10.39 1.57 2.20
CA ALA A 119 -11.08 1.75 3.48
C ALA A 119 -10.08 1.87 4.63
N THR A 120 -9.00 1.06 4.61
CA THR A 120 -7.96 1.14 5.64
C THR A 120 -7.20 2.48 5.57
N ILE A 121 -6.92 2.98 4.35
CA ILE A 121 -6.25 4.26 4.19
C ILE A 121 -7.17 5.40 4.70
N THR A 122 -8.50 5.26 4.53
CA THR A 122 -9.47 6.24 5.05
C THR A 122 -9.38 6.29 6.58
N ASP A 123 -9.21 5.14 7.23
CA ASP A 123 -9.06 5.09 8.69
C ASP A 123 -7.72 5.68 9.13
N ILE A 124 -6.63 5.36 8.42
CA ILE A 124 -5.28 5.89 8.72
C ILE A 124 -5.28 7.42 8.61
N ALA A 125 -5.91 7.96 7.56
CA ALA A 125 -6.00 9.39 7.33
C ALA A 125 -7.00 10.12 8.20
N GLY A 126 -8.13 9.48 8.49
CA GLY A 126 -9.22 10.14 9.18
C GLY A 126 -9.90 11.11 8.21
N THR A 127 -10.52 12.15 8.74
CA THR A 127 -11.20 13.17 7.93
C THR A 127 -10.64 14.57 8.27
N THR A 128 -10.96 15.59 7.45
CA THR A 128 -10.53 16.97 7.69
C THR A 128 -11.36 17.56 8.88
N GLU A 129 -11.09 18.81 9.30
CA GLU A 129 -11.85 19.44 10.40
C GLU A 129 -13.35 19.51 10.05
N ALA A 130 -13.69 19.77 8.77
CA ALA A 130 -15.08 19.82 8.31
C ALA A 130 -15.71 18.44 8.01
N GLY A 131 -15.02 17.35 8.35
CA GLY A 131 -15.53 16.00 8.13
C GLY A 131 -15.48 15.50 6.71
N ALA A 132 -14.58 16.02 5.87
CA ALA A 132 -14.45 15.58 4.47
C ALA A 132 -13.38 14.48 4.36
N ALA A 133 -13.53 13.58 3.37
CA ALA A 133 -12.59 12.48 3.18
C ALA A 133 -11.20 12.97 2.78
N ARG A 134 -10.17 12.52 3.51
CA ARG A 134 -8.77 12.87 3.26
C ARG A 134 -8.10 11.99 2.19
N PHE A 135 -8.85 11.08 1.52
CA PHE A 135 -8.28 10.21 0.50
C PHE A 135 -9.23 10.14 -0.68
N ALA A 136 -8.70 10.33 -1.90
CA ALA A 136 -9.47 10.28 -3.15
C ALA A 136 -8.74 9.38 -4.16
N LEU A 137 -9.47 8.90 -5.19
CA LEU A 137 -8.90 8.02 -6.21
C LEU A 137 -8.99 8.65 -7.59
N ASN A 138 -7.95 8.54 -8.43
CA ASN A 138 -7.99 9.04 -9.80
C ASN A 138 -7.97 7.82 -10.72
N VAL A 139 -9.11 7.49 -11.32
CA VAL A 139 -9.22 6.33 -12.21
C VAL A 139 -8.61 6.76 -13.54
N VAL A 140 -7.36 6.33 -13.76
CA VAL A 140 -6.62 6.62 -15.00
C VAL A 140 -6.43 5.35 -15.80
N ALA A 141 -6.32 5.47 -17.11
CA ALA A 141 -6.15 4.33 -18.01
C ALA A 141 -4.68 3.96 -18.16
N ALA A 142 -4.40 2.70 -18.43
CA ALA A 142 -3.02 2.25 -18.61
C ALA A 142 -2.59 2.53 -20.05
N TRP A 143 -2.31 3.78 -20.39
CA TRP A 143 -1.88 4.19 -21.74
C TRP A 143 -0.48 3.67 -22.11
N TRP A 144 0.39 3.46 -21.11
CA TRP A 144 1.74 3.01 -21.39
C TRP A 144 1.76 1.48 -21.57
N GLU A 145 1.84 1.04 -22.82
CA GLU A 145 1.81 -0.38 -23.20
C GLU A 145 3.07 -1.13 -22.77
N GLU A 146 4.25 -0.50 -22.83
CA GLU A 146 5.51 -1.13 -22.41
C GLU A 146 5.52 -1.34 -20.89
N GLU A 147 4.94 -0.40 -20.13
CA GLU A 147 4.85 -0.52 -18.68
C GLU A 147 3.96 -1.71 -18.29
N ALA A 148 2.84 -1.92 -19.02
CA ALA A 148 1.94 -3.05 -18.79
C ALA A 148 2.64 -4.38 -19.10
N ARG A 149 3.48 -4.43 -20.16
CA ARG A 149 4.23 -5.65 -20.49
C ARG A 149 5.24 -5.96 -19.37
N GLN A 150 5.92 -4.93 -18.85
CA GLN A 150 6.93 -5.12 -17.82
C GLN A 150 6.35 -5.48 -16.45
N TYR A 151 5.26 -4.82 -16.02
CA TYR A 151 4.70 -5.05 -14.69
C TYR A 151 3.43 -5.94 -14.68
N GLY A 152 3.18 -6.68 -15.75
CA GLY A 152 2.06 -7.60 -15.82
C GLY A 152 0.66 -7.01 -15.78
N GLY A 153 0.50 -5.79 -16.27
CA GLY A 153 -0.80 -5.13 -16.29
C GLY A 153 -1.63 -5.50 -17.50
N ALA A 154 -2.97 -5.49 -17.34
CA ALA A 154 -3.91 -5.82 -18.41
C ALA A 154 -4.17 -4.59 -19.29
N PHE A 155 -3.57 -4.54 -20.48
CA PHE A 155 -3.76 -3.43 -21.42
C PHE A 155 -5.10 -3.54 -22.12
N THR A 156 -5.93 -2.50 -22.06
CA THR A 156 -7.27 -2.49 -22.62
C THR A 156 -7.44 -1.53 -23.77
N ARG A 157 -8.37 -1.85 -24.69
CA ARG A 157 -8.72 -1.04 -25.87
C ARG A 157 -9.68 0.02 -25.46
N HIS A 158 -9.63 1.19 -26.04
CA HIS A 158 -10.41 2.34 -25.58
C HIS A 158 -11.95 2.14 -25.28
N ASP A 159 -12.74 1.33 -26.00
CA ASP A 159 -14.17 1.12 -25.62
C ASP A 159 -14.27 0.16 -24.41
N ASP A 160 -13.41 -0.87 -24.35
CA ASP A 160 -13.34 -1.82 -23.22
C ASP A 160 -12.51 -1.21 -22.07
N ARG A 161 -11.70 -0.22 -22.34
CA ARG A 161 -10.92 0.52 -21.37
C ARG A 161 -11.84 1.31 -20.49
N TYR A 162 -12.85 1.93 -21.08
CA TYR A 162 -13.82 2.72 -20.32
C TYR A 162 -14.83 1.82 -19.60
N ARG A 163 -15.10 0.62 -20.10
CA ARG A 163 -15.98 -0.37 -19.46
C ARG A 163 -15.29 -1.12 -18.32
N GLN A 164 -13.98 -1.25 -18.36
CA GLN A 164 -13.19 -1.84 -17.29
C GLN A 164 -13.12 -0.84 -16.13
N ALA A 165 -13.09 0.45 -16.41
CA ALA A 165 -13.05 1.52 -15.41
C ALA A 165 -14.44 1.64 -14.73
N THR A 166 -15.53 1.45 -15.50
CA THR A 166 -16.87 1.49 -14.95
C THR A 166 -17.07 0.29 -14.01
N GLU A 167 -16.71 -0.94 -14.45
CA GLU A 167 -16.86 -2.14 -13.63
C GLU A 167 -15.99 -2.08 -12.37
N PHE A 168 -14.78 -1.52 -12.46
CA PHE A 168 -13.89 -1.38 -11.32
C PHE A 168 -14.52 -0.46 -10.26
N VAL A 169 -15.08 0.67 -10.68
CA VAL A 169 -15.71 1.63 -9.78
C VAL A 169 -17.02 1.08 -9.21
N ASP A 170 -17.79 0.33 -10.01
CA ASP A 170 -19.04 -0.29 -9.53
C ASP A 170 -18.76 -1.27 -8.39
N VAL A 171 -17.64 -2.00 -8.46
CA VAL A 171 -17.27 -2.95 -7.41
C VAL A 171 -16.77 -2.17 -6.18
N LEU A 172 -15.96 -1.09 -6.38
CA LEU A 172 -15.49 -0.26 -5.25
C LEU A 172 -16.68 0.33 -4.49
N ARG A 173 -17.65 0.92 -5.21
CA ARG A 173 -18.83 1.53 -4.59
C ARG A 173 -19.69 0.48 -3.91
N GLY A 174 -20.00 -0.61 -4.62
CA GLY A 174 -20.81 -1.69 -4.09
C GLY A 174 -20.32 -2.30 -2.79
N LEU A 175 -18.99 -2.42 -2.64
CA LEU A 175 -18.42 -2.96 -1.41
C LEU A 175 -18.42 -1.93 -0.28
N TRP A 176 -18.32 -0.63 -0.59
CA TRP A 176 -18.33 0.40 0.44
C TRP A 176 -19.75 0.68 1.01
N GLU A 177 -20.83 0.24 0.33
CA GLU A 177 -22.20 0.49 0.78
C GLU A 177 -22.94 -0.80 1.21
N HIS A 178 -22.86 -1.88 0.40
CA HIS A 178 -23.60 -3.13 0.66
C HIS A 178 -22.78 -4.21 1.34
N THR A 179 -23.47 -5.08 2.12
CA THR A 179 -22.85 -6.21 2.82
C THR A 179 -23.83 -7.41 2.80
N PRO A 180 -23.61 -8.51 2.04
CA PRO A 180 -22.56 -8.78 1.05
C PRO A 180 -22.83 -8.08 -0.29
N PHE A 181 -21.84 -8.07 -1.21
CA PHE A 181 -22.01 -7.48 -2.53
C PHE A 181 -21.63 -8.49 -3.61
N THR A 182 -22.41 -8.54 -4.70
CA THR A 182 -22.20 -9.44 -5.83
C THR A 182 -22.24 -8.61 -7.13
N TYR A 183 -21.31 -8.88 -8.06
CA TYR A 183 -21.24 -8.17 -9.33
C TYR A 183 -20.76 -9.12 -10.43
N GLU A 184 -21.32 -8.98 -11.64
CA GLU A 184 -20.95 -9.80 -12.80
C GLU A 184 -20.60 -8.91 -13.98
N GLY A 185 -19.45 -9.14 -14.58
CA GLY A 185 -18.98 -8.35 -15.72
C GLY A 185 -17.91 -9.06 -16.52
N GLU A 186 -17.59 -8.51 -17.69
CA GLU A 186 -16.57 -9.08 -18.57
C GLU A 186 -15.16 -8.95 -17.98
N HIS A 187 -14.86 -7.82 -17.33
CA HIS A 187 -13.53 -7.57 -16.77
C HIS A 187 -13.44 -8.00 -15.29
N PHE A 188 -14.39 -7.57 -14.45
CA PHE A 188 -14.37 -7.91 -13.03
C PHE A 188 -15.67 -8.55 -12.57
N SER A 189 -15.57 -9.43 -11.56
CA SER A 189 -16.72 -10.15 -11.00
C SER A 189 -16.43 -10.53 -9.54
N VAL A 190 -17.44 -10.37 -8.65
CA VAL A 190 -17.32 -10.69 -7.22
C VAL A 190 -18.58 -11.45 -6.76
N ARG A 191 -18.43 -12.42 -5.84
CA ARG A 191 -19.55 -13.23 -5.34
C ARG A 191 -19.68 -13.19 -3.82
N ASP A 192 -20.83 -12.65 -3.32
CA ASP A 192 -21.15 -12.53 -1.90
C ASP A 192 -19.98 -12.00 -1.06
N SER A 193 -19.31 -10.95 -1.55
CA SER A 193 -18.13 -10.39 -0.89
C SER A 193 -18.47 -9.53 0.32
N ILE A 194 -17.73 -9.73 1.42
CA ILE A 194 -17.93 -9.00 2.67
C ILE A 194 -16.73 -8.07 2.92
N LEU A 195 -17.00 -6.77 3.10
CA LEU A 195 -15.98 -5.78 3.41
C LEU A 195 -16.39 -5.07 4.70
N SER A 196 -15.57 -5.20 5.77
CA SER A 196 -15.87 -4.59 7.06
C SER A 196 -14.59 -4.07 7.70
N PRO A 197 -14.51 -2.82 8.24
CA PRO A 197 -15.54 -1.78 8.28
C PRO A 197 -15.62 -0.98 6.99
N LYS A 198 -16.75 -0.31 6.77
CA LYS A 198 -16.92 0.53 5.58
C LYS A 198 -16.20 1.88 5.85
N PRO A 199 -15.71 2.61 4.83
CA PRO A 199 -15.08 3.92 5.14
C PRO A 199 -16.11 4.89 5.73
N GLY A 200 -15.70 5.69 6.72
CA GLY A 200 -16.57 6.66 7.37
C GLY A 200 -17.18 7.63 6.37
N VAL A 201 -16.32 8.19 5.52
CA VAL A 201 -16.67 9.04 4.38
C VAL A 201 -16.01 8.32 3.21
N HIS A 202 -16.81 7.91 2.21
CA HIS A 202 -16.28 7.16 1.07
C HIS A 202 -15.26 7.98 0.26
N PRO A 203 -14.17 7.39 -0.30
CA PRO A 203 -13.23 8.22 -1.07
C PRO A 203 -13.86 8.78 -2.35
N PRO A 204 -13.77 10.10 -2.65
CA PRO A 204 -14.39 10.59 -3.90
C PRO A 204 -13.64 10.06 -5.13
N VAL A 205 -14.40 9.69 -6.17
CA VAL A 205 -13.82 9.14 -7.39
C VAL A 205 -13.61 10.24 -8.43
N PHE A 206 -12.36 10.48 -8.80
CA PHE A 206 -11.95 11.45 -9.82
C PHE A 206 -11.55 10.67 -11.07
N ALA A 207 -11.73 11.25 -12.25
CA ALA A 207 -11.39 10.56 -13.51
C ALA A 207 -11.08 11.56 -14.62
N GLY A 208 -10.20 11.16 -15.54
CA GLY A 208 -9.79 11.96 -16.69
C GLY A 208 -9.78 11.13 -17.96
N GLY A 209 -10.35 11.66 -19.03
CA GLY A 209 -10.43 10.96 -20.31
C GLY A 209 -11.25 11.76 -21.30
N GLU A 210 -10.58 12.38 -22.30
CA GLU A 210 -11.25 13.26 -23.26
C GLU A 210 -11.96 12.55 -24.43
N SER A 211 -11.99 11.20 -24.49
CA SER A 211 -12.70 10.53 -25.60
C SER A 211 -14.19 10.80 -25.48
N GLU A 212 -14.87 11.08 -26.60
CA GLU A 212 -16.32 11.35 -26.58
C GLU A 212 -17.12 10.18 -26.01
N SER A 213 -16.76 8.94 -26.39
CA SER A 213 -17.45 7.75 -25.88
C SER A 213 -17.20 7.59 -24.37
N GLY A 214 -15.96 7.84 -23.95
CA GLY A 214 -15.57 7.75 -22.56
C GLY A 214 -16.15 8.82 -21.66
N ARG A 215 -16.51 9.98 -22.24
CA ARG A 215 -17.09 11.07 -21.44
C ARG A 215 -18.41 10.66 -20.78
N ASP A 216 -19.27 9.89 -21.47
CA ASP A 216 -20.54 9.45 -20.89
C ASP A 216 -20.32 8.46 -19.76
N SER A 217 -19.36 7.53 -19.92
CA SER A 217 -19.05 6.54 -18.88
C SER A 217 -18.43 7.21 -17.66
N ILE A 218 -17.50 8.16 -17.86
CA ILE A 218 -16.85 8.89 -16.75
C ILE A 218 -17.89 9.71 -15.98
N ALA A 219 -18.84 10.35 -16.67
CA ALA A 219 -19.91 11.12 -16.01
C ALA A 219 -20.80 10.22 -15.12
N THR A 220 -20.93 8.93 -15.47
CA THR A 220 -21.73 7.98 -14.72
C THR A 220 -21.01 7.46 -13.46
N PHE A 221 -19.76 6.96 -13.59
CA PHE A 221 -19.04 6.38 -12.44
C PHE A 221 -18.32 7.39 -11.53
N ALA A 222 -17.85 8.53 -12.03
CA ALA A 222 -17.08 9.46 -11.20
C ALA A 222 -17.90 10.55 -10.50
N ASP A 223 -17.42 10.95 -9.31
CA ASP A 223 -18.00 12.03 -8.51
C ASP A 223 -17.46 13.39 -9.01
N SER A 224 -16.15 13.42 -9.34
CA SER A 224 -15.45 14.62 -9.79
C SER A 224 -14.61 14.34 -11.06
N TYR A 225 -14.24 15.40 -11.80
CA TYR A 225 -13.48 15.28 -13.06
C TYR A 225 -12.09 15.93 -13.00
N VAL A 226 -11.12 15.31 -13.68
CA VAL A 226 -9.73 15.80 -13.79
C VAL A 226 -9.50 16.17 -15.26
N LEU A 227 -8.81 17.29 -15.51
CA LEU A 227 -8.54 17.75 -16.85
C LEU A 227 -7.09 18.18 -17.00
N HIS A 228 -6.55 18.05 -18.22
CA HIS A 228 -5.18 18.47 -18.52
C HIS A 228 -5.17 20.02 -18.70
N GLY A 229 -3.98 20.60 -18.82
CA GLY A 229 -3.85 22.04 -19.00
C GLY A 229 -4.53 22.56 -20.26
N GLY A 230 -5.34 23.59 -20.10
CA GLY A 230 -6.06 24.21 -21.21
C GLY A 230 -6.33 25.69 -20.98
N THR A 231 -6.85 26.37 -22.01
CA THR A 231 -7.15 27.80 -21.92
C THR A 231 -8.47 28.00 -21.13
N VAL A 232 -8.78 29.24 -20.71
CA VAL A 232 -10.00 29.53 -19.97
C VAL A 232 -11.26 29.11 -20.76
N GLU A 233 -11.28 29.30 -22.09
CA GLU A 233 -12.44 28.88 -22.89
C GLU A 233 -12.50 27.37 -23.07
N GLU A 234 -11.35 26.69 -23.23
CA GLU A 234 -11.31 25.24 -23.36
C GLU A 234 -11.80 24.59 -22.06
N VAL A 235 -11.40 25.13 -20.91
CA VAL A 235 -11.79 24.62 -19.60
C VAL A 235 -13.29 24.90 -19.34
N ARG A 236 -13.77 26.13 -19.64
CA ARG A 236 -15.17 26.49 -19.47
C ARG A 236 -16.08 25.57 -20.30
N THR A 237 -15.71 25.35 -21.57
CA THR A 237 -16.48 24.49 -22.48
C THR A 237 -16.52 23.05 -21.97
N LYS A 238 -15.38 22.49 -21.56
CA LYS A 238 -15.31 21.10 -21.12
C LYS A 238 -16.02 20.88 -19.77
N ILE A 239 -15.94 21.85 -18.85
CA ILE A 239 -16.62 21.72 -17.56
C ILE A 239 -18.13 21.78 -17.80
N ALA A 240 -18.60 22.71 -18.64
CA ALA A 240 -20.02 22.82 -18.96
C ALA A 240 -20.53 21.55 -19.62
N ASP A 241 -19.77 20.98 -20.57
CA ASP A 241 -20.14 19.75 -21.24
C ASP A 241 -20.26 18.58 -20.25
N MET A 242 -19.32 18.47 -19.31
CA MET A 242 -19.35 17.39 -18.33
C MET A 242 -20.55 17.53 -17.39
N ASN A 243 -20.84 18.75 -16.93
CA ASN A 243 -22.00 18.99 -16.06
C ASN A 243 -23.30 18.68 -16.78
N ALA A 244 -23.38 18.94 -18.10
CA ALA A 244 -24.58 18.65 -18.90
C ALA A 244 -24.77 17.15 -19.02
N ARG A 245 -23.69 16.37 -19.16
CA ARG A 245 -23.76 14.92 -19.24
C ARG A 245 -24.19 14.36 -17.88
N SER A 246 -23.58 14.85 -16.80
CA SER A 246 -23.91 14.43 -15.42
C SER A 246 -25.36 14.80 -15.05
N GLN A 247 -25.88 15.91 -15.60
CA GLN A 247 -27.25 16.34 -15.34
C GLN A 247 -28.26 15.40 -16.03
N ARG A 248 -27.92 14.87 -17.21
CA ARG A 248 -28.80 13.96 -17.93
C ARG A 248 -28.76 12.54 -17.34
N ILE A 249 -27.62 12.13 -16.77
CA ILE A 249 -27.45 10.79 -16.20
C ILE A 249 -27.93 10.72 -14.73
N HIS A 250 -27.39 11.60 -13.85
CA HIS A 250 -27.69 11.59 -12.41
C HIS A 250 -28.54 12.76 -11.88
N GLN A 251 -28.88 13.76 -12.72
CA GLN A 251 -29.62 14.97 -12.31
C GLN A 251 -28.80 15.79 -11.29
N ARG A 252 -27.49 15.92 -11.49
CA ARG A 252 -26.59 16.63 -10.58
C ARG A 252 -25.35 17.15 -11.32
N ASP A 253 -24.73 18.24 -10.83
CA ASP A 253 -23.45 18.72 -11.36
C ASP A 253 -22.35 17.86 -10.71
N MET A 254 -21.17 17.78 -11.33
CA MET A 254 -20.06 17.02 -10.74
C MET A 254 -19.50 17.80 -9.54
N ALA A 255 -19.09 17.09 -8.48
CA ALA A 255 -18.66 17.70 -7.23
C ALA A 255 -17.44 18.65 -7.35
N GLU A 256 -16.34 18.19 -7.99
CA GLU A 256 -15.12 19.00 -8.14
C GLU A 256 -14.55 18.88 -9.56
N PHE A 257 -13.72 19.86 -9.94
CA PHE A 257 -13.05 19.90 -11.23
C PHE A 257 -11.61 20.36 -10.99
N GLY A 258 -10.66 19.47 -11.26
CA GLY A 258 -9.24 19.74 -11.06
C GLY A 258 -8.50 19.84 -12.38
N MET A 259 -7.54 20.77 -12.48
CA MET A 259 -6.74 20.94 -13.69
C MET A 259 -5.26 20.77 -13.38
N SER A 260 -4.57 19.90 -14.12
CA SER A 260 -3.14 19.70 -13.97
C SER A 260 -2.47 20.84 -14.73
N THR A 261 -1.73 21.69 -14.00
CA THR A 261 -1.08 22.85 -14.60
C THR A 261 0.26 23.14 -13.95
N TYR A 262 1.15 23.79 -14.70
CA TYR A 262 2.46 24.22 -14.23
C TYR A 262 2.37 25.71 -13.91
N ILE A 263 3.01 26.13 -12.82
CA ILE A 263 2.94 27.53 -12.38
C ILE A 263 4.36 28.10 -12.24
N ILE A 264 4.53 29.38 -12.63
CA ILE A 264 5.79 30.11 -12.50
C ILE A 264 5.41 31.49 -11.97
N VAL A 265 5.69 31.76 -10.70
CA VAL A 265 5.39 33.06 -10.07
C VAL A 265 6.73 33.69 -9.68
N ARG A 266 6.94 34.96 -10.03
CA ARG A 266 8.14 35.72 -9.68
C ARG A 266 7.75 37.18 -9.35
N ASP A 267 8.67 37.96 -8.75
CA ASP A 267 8.40 39.36 -8.41
C ASP A 267 8.05 40.18 -9.65
N THR A 268 8.72 39.92 -10.79
CA THR A 268 8.46 40.59 -12.07
C THR A 268 8.10 39.57 -13.15
N GLU A 269 7.30 39.98 -14.14
CA GLU A 269 6.90 39.12 -15.24
C GLU A 269 8.11 38.74 -16.10
N ALA A 270 9.11 39.62 -16.22
CA ALA A 270 10.31 39.32 -16.98
C ALA A 270 11.07 38.14 -16.36
N GLU A 271 11.16 38.09 -15.01
CA GLU A 271 11.83 36.97 -14.32
C GLU A 271 11.05 35.68 -14.56
N ALA A 272 9.71 35.75 -14.51
CA ALA A 272 8.85 34.59 -14.73
C ALA A 272 9.00 34.06 -16.17
N ARG A 273 9.07 34.97 -17.15
CA ARG A 273 9.21 34.59 -18.54
C ARG A 273 10.64 34.09 -18.85
N ALA A 274 11.66 34.55 -18.10
CA ALA A 274 13.03 34.05 -18.25
C ALA A 274 13.09 32.59 -17.76
N GLU A 275 12.39 32.27 -16.66
CA GLU A 275 12.32 30.92 -16.10
C GLU A 275 11.57 29.98 -17.06
N LEU A 276 10.54 30.49 -17.77
CA LEU A 276 9.78 29.72 -18.77
C LEU A 276 10.74 29.29 -19.87
N ALA A 277 11.56 30.23 -20.38
CA ALA A 277 12.56 29.94 -21.42
C ALA A 277 13.58 28.91 -20.95
N ARG A 278 14.04 29.01 -19.69
CA ARG A 278 15.02 28.09 -19.11
C ARG A 278 14.47 26.66 -19.10
N ILE A 279 13.23 26.47 -18.64
CA ILE A 279 12.66 25.11 -18.54
C ILE A 279 12.23 24.57 -19.92
N THR A 280 11.94 25.42 -20.92
CA THR A 280 11.58 24.97 -22.26
C THR A 280 12.81 24.88 -23.20
N THR A 281 14.05 24.92 -22.66
CA THR A 281 15.25 24.79 -23.47
C THR A 281 15.44 23.30 -23.76
N VAL A 282 15.09 22.88 -24.98
CA VAL A 282 15.13 21.48 -25.39
C VAL A 282 16.57 20.94 -25.44
N ASP A 283 16.80 19.80 -24.76
CA ASP A 283 18.08 19.08 -24.77
C ASP A 283 17.84 17.88 -25.72
N PRO A 284 18.56 17.73 -26.86
CA PRO A 284 18.26 16.61 -27.76
C PRO A 284 18.37 15.20 -27.17
N HIS A 285 19.29 15.00 -26.21
CA HIS A 285 19.52 13.67 -25.64
C HIS A 285 18.80 13.45 -24.30
N SER A 286 17.80 14.27 -23.95
CA SER A 286 17.07 14.11 -22.69
C SER A 286 16.19 12.85 -22.72
N PRO A 287 16.36 11.88 -21.78
CA PRO A 287 15.53 10.66 -21.82
C PRO A 287 14.09 10.82 -21.30
N GLY A 288 13.67 12.03 -20.96
CA GLY A 288 12.32 12.28 -20.47
C GLY A 288 11.20 11.94 -21.42
N TYR A 289 11.42 12.08 -22.74
CA TYR A 289 10.41 11.80 -23.77
C TYR A 289 10.39 10.34 -24.22
N ALA A 290 10.75 9.39 -23.36
CA ALA A 290 10.75 7.97 -23.73
C ALA A 290 9.31 7.49 -23.97
N SER A 291 8.38 7.94 -23.11
CA SER A 291 6.97 7.56 -23.21
C SER A 291 6.13 8.49 -24.09
N PHE A 292 6.74 9.46 -24.79
CA PHE A 292 5.98 10.41 -25.61
C PHE A 292 5.26 9.73 -26.80
N GLU A 293 5.96 8.89 -27.58
CA GLU A 293 5.33 8.25 -28.74
C GLU A 293 4.20 7.32 -28.32
N GLU A 294 4.40 6.58 -27.22
CA GLU A 294 3.37 5.67 -26.72
C GLU A 294 2.18 6.46 -26.15
N PHE A 295 2.41 7.65 -25.57
CA PHE A 295 1.34 8.50 -25.07
C PHE A 295 0.49 8.99 -26.24
N VAL A 296 1.13 9.40 -27.33
CA VAL A 296 0.44 9.88 -28.54
C VAL A 296 -0.39 8.74 -29.14
N LYS A 297 0.18 7.53 -29.22
CA LYS A 297 -0.54 6.40 -29.80
C LYS A 297 -1.72 5.90 -28.96
N ASN A 298 -1.49 5.56 -27.69
CA ASN A 298 -2.51 4.91 -26.84
C ASN A 298 -3.19 5.78 -25.80
N SER A 299 -3.23 7.11 -25.95
CA SER A 299 -3.95 8.00 -25.04
C SER A 299 -4.90 8.72 -25.95
N GLU A 300 -6.08 8.18 -26.12
CA GLU A 300 -7.08 8.80 -26.97
C GLU A 300 -7.58 10.09 -26.36
N LEU A 301 -7.00 11.21 -26.80
CA LEU A 301 -7.41 12.55 -26.41
C LEU A 301 -7.97 13.27 -27.64
N ASP A 302 -8.88 14.23 -27.42
CA ASP A 302 -9.51 14.98 -28.52
C ASP A 302 -8.49 15.61 -29.47
N VAL A 303 -7.47 16.28 -28.92
CA VAL A 303 -6.42 16.92 -29.72
C VAL A 303 -5.10 16.19 -29.43
N GLU A 304 -4.35 15.82 -30.48
CA GLU A 304 -3.07 15.13 -30.32
C GLU A 304 -2.01 16.07 -29.73
N LEU A 305 -1.10 15.52 -28.92
CA LEU A 305 -0.04 16.30 -28.28
C LEU A 305 1.20 16.41 -29.14
N SER A 306 1.87 17.57 -29.07
CA SER A 306 3.14 17.82 -29.74
C SER A 306 4.28 17.60 -28.71
N LYS A 307 5.54 17.52 -29.17
CA LYS A 307 6.68 17.30 -28.28
C LYS A 307 6.86 18.47 -27.31
N ARG A 308 6.63 19.71 -27.76
CA ARG A 308 6.76 20.90 -26.92
C ARG A 308 5.69 20.93 -25.82
N GLU A 309 4.47 20.43 -26.10
CA GLU A 309 3.39 20.36 -25.10
C GLU A 309 3.66 19.30 -24.01
N TYR A 310 4.58 18.36 -24.24
CA TYR A 310 4.94 17.31 -23.28
C TYR A 310 6.25 17.68 -22.53
N SER A 311 6.61 18.98 -22.44
CA SER A 311 7.85 19.38 -21.78
C SER A 311 7.78 19.32 -20.24
N VAL A 312 6.68 19.80 -19.64
CA VAL A 312 6.49 19.80 -18.18
C VAL A 312 5.38 18.83 -17.70
N GLY A 313 4.63 18.23 -18.62
CA GLY A 313 3.55 17.31 -18.29
C GLY A 313 2.65 17.11 -19.49
N THR A 314 1.33 17.20 -19.32
CA THR A 314 0.38 17.09 -20.43
C THR A 314 -0.25 18.47 -20.57
N ARG A 315 0.37 19.33 -21.39
CA ARG A 315 -0.05 20.72 -21.62
C ARG A 315 -0.04 21.56 -20.34
N GLY A 316 0.98 21.37 -19.52
CA GLY A 316 1.12 22.11 -18.27
C GLY A 316 1.28 23.61 -18.45
N LEU A 317 1.92 24.04 -19.55
CA LEU A 317 2.11 25.46 -19.83
C LEU A 317 0.99 26.08 -20.69
N ARG A 318 -0.01 25.28 -21.14
CA ARG A 318 -1.11 25.81 -21.93
C ARG A 318 -1.95 26.84 -21.13
N PRO A 319 -2.29 26.64 -19.83
CA PRO A 319 -3.00 27.69 -19.08
C PRO A 319 -2.22 28.99 -18.93
N ASP A 320 -0.88 28.95 -19.08
CA ASP A 320 0.03 30.09 -19.01
C ASP A 320 -0.06 30.85 -17.69
N LEU A 321 0.06 30.13 -16.57
CA LEU A 321 0.03 30.76 -15.24
C LEU A 321 1.48 31.19 -14.94
N VAL A 322 2.03 32.06 -15.81
CA VAL A 322 3.39 32.56 -15.72
C VAL A 322 3.34 34.08 -15.57
N GLY A 323 3.85 34.60 -14.48
CA GLY A 323 3.88 36.03 -14.25
C GLY A 323 4.05 36.42 -12.80
N THR A 324 3.61 37.64 -12.46
CA THR A 324 3.68 38.14 -11.09
C THR A 324 2.56 37.46 -10.26
N PRO A 325 2.58 37.50 -8.90
CA PRO A 325 1.46 36.89 -8.14
C PRO A 325 0.10 37.47 -8.52
N GLU A 326 0.01 38.79 -8.77
CA GLU A 326 -1.23 39.45 -9.15
C GLU A 326 -1.75 38.92 -10.49
N GLN A 327 -0.86 38.78 -11.49
CA GLN A 327 -1.23 38.29 -12.81
C GLN A 327 -1.70 36.85 -12.77
N VAL A 328 -0.98 36.02 -12.01
CA VAL A 328 -1.31 34.60 -11.91
C VAL A 328 -2.63 34.45 -11.14
N ALA A 329 -2.84 35.23 -10.08
CA ALA A 329 -4.10 35.20 -9.33
C ALA A 329 -5.28 35.60 -10.20
N GLU A 330 -5.10 36.61 -11.07
CA GLU A 330 -6.14 37.05 -12.01
C GLU A 330 -6.53 35.89 -12.94
N LYS A 331 -5.54 35.13 -13.44
CA LYS A 331 -5.80 34.00 -14.31
C LYS A 331 -6.51 32.89 -13.55
N ILE A 332 -6.08 32.61 -12.30
CA ILE A 332 -6.72 31.57 -11.47
C ILE A 332 -8.19 31.93 -11.22
N ARG A 333 -8.48 33.21 -10.91
CA ARG A 333 -9.85 33.68 -10.67
C ARG A 333 -10.75 33.49 -11.90
N ALA A 334 -10.20 33.61 -13.13
CA ALA A 334 -10.96 33.39 -14.36
C ALA A 334 -11.32 31.91 -14.51
N TYR A 335 -10.42 30.99 -14.10
CA TYR A 335 -10.70 29.56 -14.12
C TYR A 335 -11.77 29.21 -13.08
N GLN A 336 -11.76 29.88 -11.91
CA GLN A 336 -12.77 29.68 -10.88
C GLN A 336 -14.16 30.08 -11.42
N ASP A 337 -14.24 31.20 -12.18
CA ASP A 337 -15.51 31.64 -12.79
C ASP A 337 -15.94 30.73 -13.95
N ALA A 338 -14.97 30.14 -14.67
CA ALA A 338 -15.25 29.17 -15.74
C ALA A 338 -15.82 27.83 -15.22
N GLY A 339 -15.68 27.55 -13.92
CA GLY A 339 -16.19 26.34 -13.29
C GLY A 339 -15.17 25.49 -12.56
N LEU A 340 -13.87 25.88 -12.58
CA LEU A 340 -12.82 25.10 -11.92
C LEU A 340 -12.82 25.34 -10.42
N THR A 341 -12.73 24.27 -9.63
CA THR A 341 -12.72 24.34 -8.16
C THR A 341 -11.38 23.88 -7.53
N LEU A 342 -10.48 23.27 -8.31
CA LEU A 342 -9.22 22.76 -7.77
C LEU A 342 -8.11 22.86 -8.80
N LEU A 343 -6.91 23.21 -8.34
CA LEU A 343 -5.71 23.28 -9.15
C LEU A 343 -4.80 22.15 -8.72
N LEU A 344 -4.07 21.53 -9.66
CA LEU A 344 -3.12 20.49 -9.33
C LEU A 344 -1.80 20.99 -9.92
N ILE A 345 -1.14 21.84 -9.13
CA ILE A 345 0.06 22.58 -9.50
C ILE A 345 1.33 21.72 -9.57
N GLN A 346 2.14 21.91 -10.63
CA GLN A 346 3.43 21.25 -10.81
C GLN A 346 4.49 22.36 -10.64
N CYS A 347 5.46 22.15 -9.73
CA CYS A 347 6.49 23.14 -9.36
C CYS A 347 7.91 22.63 -9.55
N SER A 348 8.91 23.54 -9.49
CA SER A 348 10.32 23.16 -9.56
C SER A 348 11.24 24.31 -9.07
N PRO A 349 11.89 24.29 -7.87
CA PRO A 349 11.80 23.29 -6.78
C PRO A 349 10.52 23.48 -5.98
N ALA A 350 9.72 22.42 -5.83
CA ALA A 350 8.43 22.51 -5.14
C ALA A 350 8.53 22.99 -3.69
N HIS A 351 9.60 22.67 -2.96
CA HIS A 351 9.74 23.13 -1.58
C HIS A 351 9.82 24.65 -1.46
N GLU A 352 10.44 25.32 -2.43
CA GLU A 352 10.53 26.79 -2.43
C GLU A 352 9.32 27.40 -3.12
N GLU A 353 8.93 26.84 -4.27
CA GLU A 353 7.85 27.39 -5.08
C GLU A 353 6.47 27.25 -4.42
N LEU A 354 6.17 26.11 -3.78
CA LEU A 354 4.88 25.96 -3.11
C LEU A 354 4.75 26.90 -1.90
N GLU A 355 5.86 27.24 -1.24
CA GLU A 355 5.83 28.19 -0.13
C GLU A 355 5.56 29.61 -0.68
N ARG A 356 6.20 29.97 -1.80
CA ARG A 356 6.03 31.26 -2.47
C ARG A 356 4.56 31.48 -2.88
N ILE A 357 3.92 30.43 -3.45
CA ILE A 357 2.52 30.48 -3.88
C ILE A 357 1.61 30.69 -2.68
N ALA A 358 1.83 29.94 -1.60
CA ALA A 358 1.06 30.07 -0.37
C ALA A 358 1.13 31.47 0.22
N GLU A 359 2.31 32.10 0.20
CA GLU A 359 2.50 33.44 0.75
C GLU A 359 1.93 34.53 -0.16
N GLN A 360 2.22 34.47 -1.47
CA GLN A 360 1.88 35.54 -2.41
C GLN A 360 0.55 35.39 -3.19
N VAL A 361 0.22 34.19 -3.69
CA VAL A 361 -0.98 33.98 -4.52
C VAL A 361 -2.24 33.58 -3.70
N PHE A 362 -2.09 32.70 -2.70
CA PHE A 362 -3.22 32.27 -1.87
C PHE A 362 -4.12 33.42 -1.33
N PRO A 363 -3.60 34.52 -0.71
CA PRO A 363 -4.52 35.57 -0.22
C PRO A 363 -5.29 36.30 -1.33
N LEU A 364 -4.67 36.43 -2.51
CA LEU A 364 -5.26 37.12 -3.65
C LEU A 364 -6.39 36.31 -4.30
N VAL A 365 -6.41 34.97 -4.12
CA VAL A 365 -7.46 34.12 -4.67
C VAL A 365 -8.37 33.70 -3.50
N PRO A 366 -9.59 34.29 -3.32
CA PRO A 366 -10.43 33.88 -2.18
C PRO A 366 -11.10 32.51 -2.36
N MET B 21 18.36 -13.38 21.17
CA MET B 21 16.91 -13.58 21.09
C MET B 21 16.21 -12.24 20.83
N HIS B 22 15.60 -12.11 19.65
CA HIS B 22 14.86 -10.89 19.28
C HIS B 22 13.41 -11.07 19.67
N PHE B 23 12.81 -10.05 20.29
CA PHE B 23 11.41 -10.11 20.71
C PHE B 23 10.52 -9.34 19.74
N GLY B 24 9.60 -10.06 19.11
CA GLY B 24 8.63 -9.49 18.18
C GLY B 24 7.21 -9.70 18.64
N TYR B 25 6.23 -9.23 17.86
CA TYR B 25 4.81 -9.37 18.22
C TYR B 25 3.88 -9.29 17.01
N TRP B 26 2.68 -9.84 17.13
CA TRP B 26 1.68 -9.77 16.06
C TRP B 26 0.92 -8.45 16.16
N THR B 27 0.78 -7.73 15.05
CA THR B 27 0.00 -6.49 15.05
C THR B 27 -1.49 -6.91 15.09
N PRO B 28 -2.31 -6.40 16.04
CA PRO B 28 -3.72 -6.82 16.07
C PRO B 28 -4.55 -6.11 15.00
N ILE B 29 -4.73 -6.78 13.86
CA ILE B 29 -5.52 -6.23 12.75
C ILE B 29 -6.98 -6.71 12.74
N TYR B 30 -7.36 -7.64 13.65
CA TYR B 30 -8.70 -8.19 13.73
C TYR B 30 -9.45 -7.80 15.02
N GLY B 31 -8.91 -6.89 15.81
CA GLY B 31 -9.52 -6.51 17.07
C GLY B 31 -9.29 -7.51 18.20
N GLY B 32 -8.16 -8.24 18.11
CA GLY B 32 -7.80 -9.26 19.09
C GLY B 32 -7.30 -10.54 18.45
N PHE B 33 -6.90 -11.52 19.29
CA PHE B 33 -6.43 -12.82 18.85
C PHE B 33 -7.21 -14.00 19.46
N LEU B 34 -8.18 -13.76 20.35
CA LEU B 34 -8.93 -14.82 21.04
C LEU B 34 -10.26 -15.10 20.35
N ARG B 35 -10.42 -16.32 19.80
CA ARG B 35 -11.63 -16.72 19.09
C ARG B 35 -12.81 -17.01 20.03
N ASN B 36 -12.56 -17.33 21.31
CA ASN B 36 -13.62 -17.62 22.28
C ASN B 36 -14.27 -16.37 22.88
N LEU B 37 -13.54 -15.23 22.93
CA LEU B 37 -14.03 -13.97 23.51
C LEU B 37 -14.26 -12.91 22.41
N GLY B 38 -14.93 -11.82 22.78
CA GLY B 38 -15.20 -10.70 21.87
C GLY B 38 -14.25 -9.55 22.05
N ASP B 39 -14.60 -8.59 22.91
CA ASP B 39 -13.77 -7.40 23.14
C ASP B 39 -12.53 -7.71 23.98
N GLU B 40 -11.35 -7.30 23.49
CA GLU B 40 -10.07 -7.45 24.20
C GLU B 40 -9.36 -6.10 24.43
N GLY B 41 -10.09 -4.99 24.34
CA GLY B 41 -9.49 -3.66 24.49
C GLY B 41 -8.45 -3.38 23.42
N MET B 42 -8.62 -3.97 22.23
CA MET B 42 -7.69 -3.82 21.10
C MET B 42 -8.52 -3.50 19.85
N PRO B 43 -9.10 -2.28 19.70
CA PRO B 43 -9.89 -2.00 18.49
C PRO B 43 -9.10 -2.13 17.19
N ALA B 44 -9.75 -2.59 16.12
CA ALA B 44 -9.10 -2.73 14.82
C ALA B 44 -9.09 -1.38 14.07
N THR B 45 -8.53 -0.34 14.72
CA THR B 45 -8.45 1.02 14.18
C THR B 45 -7.00 1.49 14.11
N TRP B 46 -6.74 2.46 13.24
CA TRP B 46 -5.41 3.05 13.13
C TRP B 46 -5.03 3.75 14.44
N ASP B 47 -6.00 4.37 15.15
CA ASP B 47 -5.74 5.03 16.43
C ASP B 47 -5.07 4.08 17.43
N TYR B 48 -5.56 2.84 17.55
CA TYR B 48 -4.97 1.86 18.45
C TYR B 48 -3.65 1.34 17.90
N VAL B 49 -3.61 0.98 16.60
CA VAL B 49 -2.39 0.44 15.98
C VAL B 49 -1.22 1.42 16.09
N LYS B 50 -1.45 2.71 15.86
CA LYS B 50 -0.38 3.72 15.96
C LYS B 50 0.16 3.78 17.39
N LYS B 51 -0.73 3.81 18.38
CA LYS B 51 -0.32 3.84 19.79
C LYS B 51 0.49 2.60 20.14
N LEU B 52 0.03 1.42 19.71
CA LEU B 52 0.71 0.16 19.99
C LEU B 52 2.07 0.08 19.30
N SER B 53 2.15 0.47 18.03
CA SER B 53 3.40 0.39 17.28
C SER B 53 4.44 1.34 17.84
N GLN B 54 4.03 2.56 18.20
CA GLN B 54 4.96 3.55 18.76
C GLN B 54 5.44 3.11 20.14
N LEU B 55 4.56 2.50 20.95
CA LEU B 55 4.93 2.01 22.27
C LEU B 55 5.95 0.87 22.14
N ALA B 56 5.66 -0.12 21.31
CA ALA B 56 6.55 -1.27 21.10
C ALA B 56 7.91 -0.84 20.56
N ASP B 57 7.92 0.12 19.64
CA ASP B 57 9.16 0.66 19.06
C ASP B 57 10.03 1.29 20.17
N ARG B 58 9.40 2.03 21.10
CA ARG B 58 10.11 2.65 22.22
C ARG B 58 10.61 1.63 23.22
N LEU B 59 9.84 0.56 23.46
CA LEU B 59 10.21 -0.47 24.43
C LEU B 59 11.39 -1.34 23.99
N GLY B 60 11.64 -1.43 22.68
CA GLY B 60 12.75 -2.21 22.14
C GLY B 60 12.34 -3.49 21.45
N TYR B 61 11.10 -3.57 20.92
CA TYR B 61 10.66 -4.74 20.18
C TYR B 61 11.32 -4.68 18.81
N HIS B 62 11.88 -5.80 18.37
CA HIS B 62 12.61 -5.89 17.11
C HIS B 62 11.72 -5.90 15.86
N THR B 63 10.67 -6.75 15.84
CA THR B 63 9.81 -6.91 14.67
C THR B 63 8.32 -7.03 15.03
N THR B 64 7.44 -6.72 14.06
CA THR B 64 6.00 -6.90 14.19
C THR B 64 5.50 -7.59 12.93
N LEU B 65 4.68 -8.64 13.09
CA LEU B 65 4.13 -9.35 11.95
C LEU B 65 2.71 -8.84 11.70
N VAL B 66 2.46 -8.37 10.47
CA VAL B 66 1.16 -7.88 10.05
C VAL B 66 0.57 -8.94 9.11
N PRO B 67 -0.38 -9.80 9.54
CA PRO B 67 -0.91 -10.82 8.62
C PRO B 67 -1.74 -10.22 7.48
N GLU B 68 -1.86 -10.94 6.37
CA GLU B 68 -2.63 -10.45 5.22
C GLU B 68 -3.85 -11.30 5.01
N LEU B 69 -5.02 -10.76 5.33
CA LEU B 69 -6.31 -11.41 5.10
C LEU B 69 -7.35 -10.33 4.93
N TYR B 70 -8.18 -10.43 3.90
CA TYR B 70 -9.22 -9.43 3.65
C TYR B 70 -10.55 -9.75 4.37
N LEU B 71 -10.57 -10.79 5.23
CA LEU B 71 -11.71 -11.18 6.07
C LEU B 71 -11.18 -11.46 7.48
N ASN B 72 -11.96 -11.14 8.50
CA ASN B 72 -11.54 -11.34 9.89
C ASN B 72 -11.61 -12.82 10.29
N ASP B 73 -10.46 -13.51 10.37
CA ASP B 73 -10.43 -14.92 10.75
C ASP B 73 -10.38 -15.15 12.27
N ARG B 74 -10.50 -14.09 13.10
CA ARG B 74 -10.46 -14.23 14.56
C ARG B 74 -11.78 -13.89 15.26
N LYS B 75 -12.63 -13.02 14.67
CA LYS B 75 -13.89 -12.58 15.28
C LYS B 75 -15.12 -12.71 14.37
N GLY B 76 -15.00 -13.38 13.22
CA GLY B 76 -16.11 -13.56 12.30
C GLY B 76 -15.90 -12.78 11.01
N VAL B 77 -16.29 -13.36 9.87
CA VAL B 77 -16.09 -12.73 8.54
C VAL B 77 -16.59 -11.26 8.46
N ASP B 78 -17.70 -10.93 9.14
CA ASP B 78 -18.25 -9.58 9.10
C ASP B 78 -17.64 -8.61 10.15
N ALA B 79 -16.70 -9.06 11.00
CA ALA B 79 -16.12 -8.19 12.01
C ALA B 79 -15.08 -7.22 11.40
N PRO B 80 -14.85 -6.00 11.96
CA PRO B 80 -13.88 -5.08 11.33
C PRO B 80 -12.45 -5.62 11.29
N SER B 81 -11.74 -5.40 10.16
CA SER B 81 -10.35 -5.81 9.97
C SER B 81 -9.58 -4.75 9.13
N LEU B 82 -8.26 -4.62 9.36
CA LEU B 82 -7.40 -3.66 8.64
C LEU B 82 -6.60 -4.36 7.54
N GLU B 83 -6.30 -3.63 6.44
CA GLU B 83 -5.52 -4.14 5.30
C GLU B 83 -4.02 -4.10 5.65
N ALA B 84 -3.30 -5.18 5.38
CA ALA B 84 -1.89 -5.34 5.74
C ALA B 84 -0.88 -4.34 5.11
N TRP B 85 -0.84 -4.18 3.79
CA TRP B 85 0.16 -3.34 3.12
C TRP B 85 0.03 -1.84 3.42
N SER B 86 -1.20 -1.30 3.43
CA SER B 86 -1.41 0.11 3.76
C SER B 86 -1.06 0.39 5.21
N LEU B 87 -1.46 -0.52 6.12
CA LEU B 87 -1.18 -0.37 7.55
C LEU B 87 0.32 -0.47 7.79
N SER B 88 1.01 -1.42 7.13
CA SER B 88 2.45 -1.59 7.28
C SER B 88 3.22 -0.34 6.85
N SER B 89 2.85 0.25 5.71
CA SER B 89 3.49 1.47 5.22
C SER B 89 3.28 2.62 6.20
N ALA B 90 2.07 2.75 6.76
CA ALA B 90 1.75 3.79 7.73
C ALA B 90 2.51 3.59 9.05
N ILE B 91 2.66 2.33 9.51
CA ILE B 91 3.38 2.03 10.76
C ILE B 91 4.85 2.46 10.60
N LEU B 92 5.47 2.08 9.50
CA LEU B 92 6.87 2.41 9.27
C LEU B 92 7.12 3.93 9.16
N ALA B 93 6.14 4.70 8.68
CA ALA B 93 6.28 6.15 8.59
C ALA B 93 6.23 6.84 9.98
N VAL B 94 5.64 6.18 11.00
CA VAL B 94 5.49 6.74 12.36
C VAL B 94 6.35 6.01 13.43
N THR B 95 7.29 5.13 13.02
CA THR B 95 8.21 4.42 13.93
C THR B 95 9.67 4.66 13.47
N GLU B 96 10.66 4.34 14.32
CA GLU B 96 12.09 4.57 14.02
C GLU B 96 12.95 3.31 13.87
N GLN B 97 12.77 2.32 14.77
CA GLN B 97 13.58 1.09 14.76
C GLN B 97 12.79 -0.21 14.52
N LEU B 98 11.49 -0.25 14.85
CA LEU B 98 10.68 -1.46 14.70
C LEU B 98 10.58 -1.93 13.24
N ARG B 99 10.94 -3.20 12.98
CA ARG B 99 10.84 -3.79 11.65
C ARG B 99 9.41 -4.28 11.43
N VAL B 100 8.85 -4.07 10.23
CA VAL B 100 7.50 -4.54 9.93
C VAL B 100 7.55 -5.67 8.90
N MET B 101 7.25 -6.90 9.36
CA MET B 101 7.19 -8.09 8.54
C MET B 101 5.74 -8.18 8.05
N THR B 102 5.52 -8.05 6.75
CA THR B 102 4.19 -8.03 6.16
C THR B 102 3.94 -9.29 5.34
N ALA B 103 2.80 -9.96 5.57
CA ALA B 103 2.47 -11.15 4.80
C ALA B 103 2.01 -10.81 3.39
N VAL B 104 2.23 -11.75 2.46
CA VAL B 104 1.89 -11.56 1.06
C VAL B 104 1.52 -12.90 0.44
N ARG B 105 0.36 -12.95 -0.24
CA ARG B 105 -0.11 -14.17 -0.91
C ARG B 105 0.12 -13.99 -2.41
N PRO B 106 0.95 -14.83 -3.07
CA PRO B 106 1.13 -14.65 -4.52
C PRO B 106 -0.16 -14.57 -5.36
N GLY B 107 -1.20 -15.31 -4.98
CA GLY B 107 -2.47 -15.30 -5.69
C GLY B 107 -3.22 -13.98 -5.69
N PHE B 108 -2.90 -13.08 -4.76
CA PHE B 108 -3.54 -11.76 -4.67
C PHE B 108 -2.63 -10.62 -5.16
N HIS B 109 -1.39 -10.91 -5.63
CA HIS B 109 -0.45 -9.87 -6.01
C HIS B 109 0.26 -10.12 -7.33
N LEU B 110 0.74 -9.04 -7.96
CA LEU B 110 1.57 -9.10 -9.17
C LEU B 110 3.01 -8.95 -8.61
N PRO B 111 3.94 -9.91 -8.82
CA PRO B 111 5.27 -9.78 -8.21
C PRO B 111 6.08 -8.56 -8.63
N ALA B 112 5.88 -8.07 -9.86
CA ALA B 112 6.58 -6.88 -10.33
C ALA B 112 6.10 -5.63 -9.57
N VAL B 113 4.78 -5.50 -9.36
CA VAL B 113 4.20 -4.38 -8.61
C VAL B 113 4.62 -4.50 -7.13
N THR B 114 4.57 -5.72 -6.58
CA THR B 114 4.97 -5.98 -5.20
C THR B 114 6.44 -5.61 -4.98
N ALA B 115 7.33 -5.91 -5.94
CA ALA B 115 8.74 -5.57 -5.80
C ALA B 115 8.94 -4.06 -5.74
N LYS B 116 8.18 -3.30 -6.55
CA LYS B 116 8.25 -1.84 -6.56
C LYS B 116 7.70 -1.26 -5.26
N GLU B 117 6.55 -1.78 -4.79
CA GLU B 117 5.94 -1.34 -3.54
C GLU B 117 6.89 -1.60 -2.37
N SER B 118 7.54 -2.78 -2.36
CA SER B 118 8.51 -3.16 -1.34
C SER B 118 9.72 -2.23 -1.32
N ALA B 119 10.26 -1.87 -2.50
CA ALA B 119 11.40 -0.96 -2.57
C ALA B 119 11.04 0.42 -2.02
N THR B 120 9.83 0.93 -2.33
CA THR B 120 9.38 2.22 -1.82
C THR B 120 9.18 2.18 -0.30
N ILE B 121 8.63 1.07 0.22
CA ILE B 121 8.44 0.91 1.67
C ILE B 121 9.82 0.85 2.37
N THR B 122 10.84 0.25 1.72
CA THR B 122 12.21 0.21 2.25
C THR B 122 12.74 1.64 2.40
N ASP B 123 12.47 2.52 1.43
CA ASP B 123 12.89 3.91 1.48
C ASP B 123 12.14 4.67 2.59
N ILE B 124 10.82 4.46 2.70
CA ILE B 124 9.97 5.11 3.72
C ILE B 124 10.47 4.72 5.12
N ALA B 125 10.78 3.44 5.32
CA ALA B 125 11.26 2.94 6.60
C ALA B 125 12.73 3.26 6.91
N GLY B 126 13.57 3.24 5.89
CA GLY B 126 15.01 3.37 6.09
C GLY B 126 15.54 2.08 6.68
N THR B 127 16.65 2.16 7.43
CA THR B 127 17.26 0.98 8.07
C THR B 127 17.39 1.20 9.59
N THR B 128 17.70 0.13 10.34
CA THR B 128 17.91 0.24 11.79
C THR B 128 19.29 0.90 12.08
N GLU B 129 19.65 1.12 13.36
CA GLU B 129 20.95 1.70 13.70
C GLU B 129 22.12 0.86 13.15
N ALA B 130 22.00 -0.49 13.17
CA ALA B 130 23.02 -1.39 12.63
C ALA B 130 22.95 -1.59 11.10
N GLY B 131 22.13 -0.82 10.40
CA GLY B 131 21.99 -0.91 8.95
C GLY B 131 21.21 -2.10 8.43
N ALA B 132 20.29 -2.65 9.24
CA ALA B 132 19.47 -3.79 8.82
C ALA B 132 18.15 -3.31 8.22
N ALA B 133 17.56 -4.09 7.30
CA ALA B 133 16.31 -3.72 6.65
C ALA B 133 15.13 -3.70 7.64
N ARG B 134 14.40 -2.59 7.67
CA ARG B 134 13.23 -2.40 8.54
C ARG B 134 11.93 -2.99 7.95
N PHE B 135 11.98 -3.70 6.82
CA PHE B 135 10.78 -4.28 6.20
C PHE B 135 11.11 -5.68 5.71
N ALA B 136 10.27 -6.65 6.05
CA ALA B 136 10.41 -8.05 5.66
C ALA B 136 9.08 -8.57 5.09
N LEU B 137 9.13 -9.67 4.33
CA LEU B 137 7.93 -10.25 3.71
C LEU B 137 7.69 -11.66 4.20
N ASN B 138 6.43 -12.04 4.47
CA ASN B 138 6.11 -13.41 4.87
C ASN B 138 5.29 -14.03 3.74
N VAL B 139 5.93 -14.92 2.95
CA VAL B 139 5.26 -15.56 1.83
C VAL B 139 4.35 -16.64 2.41
N VAL B 140 3.05 -16.33 2.51
CA VAL B 140 2.04 -17.25 3.03
C VAL B 140 1.10 -17.70 1.92
N ALA B 141 0.55 -18.89 2.03
CA ALA B 141 -0.34 -19.47 1.03
C ALA B 141 -1.79 -19.04 1.27
N ALA B 142 -2.56 -18.90 0.19
CA ALA B 142 -3.97 -18.53 0.29
C ALA B 142 -4.80 -19.75 0.64
N TRP B 143 -4.78 -20.14 1.89
CA TRP B 143 -5.50 -21.30 2.39
C TRP B 143 -7.02 -21.06 2.45
N TRP B 144 -7.45 -19.80 2.62
CA TRP B 144 -8.89 -19.52 2.71
C TRP B 144 -9.50 -19.42 1.31
N GLU B 145 -10.20 -20.48 0.90
CA GLU B 145 -10.82 -20.57 -0.42
C GLU B 145 -11.99 -19.59 -0.61
N GLU B 146 -12.82 -19.37 0.45
CA GLU B 146 -13.95 -18.44 0.37
C GLU B 146 -13.44 -16.99 0.23
N GLU B 147 -12.32 -16.66 0.90
CA GLU B 147 -11.71 -15.33 0.79
C GLU B 147 -11.22 -15.07 -0.64
N ALA B 148 -10.65 -16.10 -1.30
CA ALA B 148 -10.19 -15.98 -2.68
C ALA B 148 -11.37 -15.78 -3.64
N ARG B 149 -12.51 -16.45 -3.39
CA ARG B 149 -13.71 -16.27 -4.22
C ARG B 149 -14.24 -14.85 -4.07
N GLN B 150 -14.25 -14.32 -2.84
CA GLN B 150 -14.77 -12.98 -2.57
C GLN B 150 -13.89 -11.86 -3.08
N TYR B 151 -12.55 -11.95 -2.89
CA TYR B 151 -11.62 -10.90 -3.28
C TYR B 151 -10.84 -11.16 -4.58
N GLY B 152 -11.31 -12.10 -5.41
CA GLY B 152 -10.71 -12.39 -6.70
C GLY B 152 -9.29 -12.93 -6.70
N GLY B 153 -8.91 -13.65 -5.66
CA GLY B 153 -7.57 -14.23 -5.58
C GLY B 153 -7.47 -15.56 -6.30
N ALA B 154 -6.27 -15.88 -6.81
CA ALA B 154 -6.00 -17.13 -7.53
C ALA B 154 -5.69 -18.25 -6.54
N PHE B 155 -6.68 -19.12 -6.27
CA PHE B 155 -6.52 -20.21 -5.33
C PHE B 155 -5.75 -21.37 -5.98
N THR B 156 -4.59 -21.71 -5.43
CA THR B 156 -3.74 -22.81 -5.87
C THR B 156 -3.67 -23.91 -4.83
N ARG B 157 -3.30 -25.13 -5.22
CA ARG B 157 -3.18 -26.25 -4.28
C ARG B 157 -1.94 -27.06 -4.55
N HIS B 158 -1.30 -27.55 -3.50
CA HIS B 158 -0.20 -28.54 -3.51
C HIS B 158 1.06 -28.08 -4.27
N ASP B 159 1.54 -28.78 -5.35
CA ASP B 159 2.75 -28.39 -6.08
C ASP B 159 2.57 -27.08 -6.81
N ASP B 160 1.34 -26.68 -7.17
CA ASP B 160 1.07 -25.39 -7.80
C ASP B 160 1.19 -24.26 -6.79
N ARG B 161 0.82 -24.51 -5.53
CA ARG B 161 0.87 -23.53 -4.46
C ARG B 161 2.30 -23.18 -4.14
N TYR B 162 3.15 -24.18 -4.09
CA TYR B 162 4.57 -24.02 -3.75
C TYR B 162 5.38 -23.53 -4.98
N ARG B 163 4.94 -23.85 -6.22
CA ARG B 163 5.57 -23.38 -7.47
C ARG B 163 5.23 -21.91 -7.72
N GLN B 164 4.06 -21.46 -7.29
CA GLN B 164 3.64 -20.07 -7.41
C GLN B 164 4.41 -19.20 -6.42
N ALA B 165 4.74 -19.72 -5.24
CA ALA B 165 5.51 -18.99 -4.23
C ALA B 165 6.99 -18.89 -4.66
N THR B 166 7.53 -19.93 -5.29
CA THR B 166 8.90 -19.90 -5.78
C THR B 166 9.02 -18.87 -6.92
N GLU B 167 8.11 -18.92 -7.90
CA GLU B 167 8.15 -17.97 -9.02
C GLU B 167 7.94 -16.52 -8.59
N PHE B 168 7.07 -16.30 -7.60
CA PHE B 168 6.82 -14.96 -7.08
C PHE B 168 8.10 -14.38 -6.45
N VAL B 169 8.81 -15.18 -5.66
CA VAL B 169 10.03 -14.73 -4.99
C VAL B 169 11.17 -14.56 -6.00
N ASP B 170 11.26 -15.44 -7.02
CA ASP B 170 12.29 -15.31 -8.06
C ASP B 170 12.16 -13.98 -8.81
N VAL B 171 10.92 -13.52 -9.05
CA VAL B 171 10.69 -12.25 -9.74
C VAL B 171 11.03 -11.08 -8.77
N LEU B 172 10.64 -11.18 -7.48
CA LEU B 172 10.98 -10.15 -6.50
C LEU B 172 12.50 -9.97 -6.39
N ARG B 173 13.25 -11.08 -6.26
CA ARG B 173 14.70 -11.05 -6.13
C ARG B 173 15.34 -10.52 -7.42
N GLY B 174 14.94 -11.08 -8.57
CA GLY B 174 15.45 -10.68 -9.87
C GLY B 174 15.34 -9.20 -10.18
N LEU B 175 14.23 -8.58 -9.77
CA LEU B 175 14.03 -7.15 -10.00
C LEU B 175 14.84 -6.30 -9.02
N TRP B 176 15.09 -6.79 -7.78
CA TRP B 176 15.88 -6.04 -6.81
C TRP B 176 17.39 -6.06 -7.09
N GLU B 177 17.88 -6.97 -7.96
CA GLU B 177 19.33 -7.06 -8.27
C GLU B 177 19.67 -6.71 -9.73
N HIS B 178 18.90 -7.23 -10.70
CA HIS B 178 19.18 -7.02 -12.12
C HIS B 178 18.37 -5.92 -12.78
N THR B 179 18.94 -5.29 -13.82
CA THR B 179 18.31 -4.23 -14.60
C THR B 179 18.72 -4.37 -16.09
N PRO B 180 17.85 -4.79 -17.04
CA PRO B 180 16.46 -5.29 -16.89
C PRO B 180 16.41 -6.74 -16.40
N PHE B 181 15.22 -7.23 -16.03
CA PHE B 181 15.05 -8.62 -15.60
C PHE B 181 13.95 -9.28 -16.42
N THR B 182 14.18 -10.56 -16.80
CA THR B 182 13.23 -11.35 -17.58
C THR B 182 13.03 -12.70 -16.88
N TYR B 183 11.78 -13.18 -16.79
CA TYR B 183 11.46 -14.45 -16.15
C TYR B 183 10.30 -15.12 -16.87
N GLU B 184 10.34 -16.46 -17.01
CA GLU B 184 9.29 -17.24 -17.65
C GLU B 184 8.85 -18.37 -16.72
N GLY B 185 7.54 -18.47 -16.49
CA GLY B 185 6.97 -19.50 -15.63
C GLY B 185 5.49 -19.72 -15.89
N GLU B 186 4.94 -20.78 -15.29
CA GLU B 186 3.53 -21.12 -15.45
C GLU B 186 2.62 -20.10 -14.77
N HIS B 187 3.01 -19.63 -13.57
CA HIS B 187 2.20 -18.67 -12.81
C HIS B 187 2.55 -17.21 -13.13
N PHE B 188 3.85 -16.85 -13.08
CA PHE B 188 4.28 -15.47 -13.31
C PHE B 188 5.34 -15.40 -14.40
N SER B 189 5.34 -14.28 -15.15
CA SER B 189 6.29 -14.05 -16.24
C SER B 189 6.48 -12.53 -16.44
N VAL B 190 7.74 -12.09 -16.64
CA VAL B 190 8.09 -10.68 -16.87
C VAL B 190 9.08 -10.57 -18.04
N ARG B 191 8.97 -9.48 -18.83
CA ARG B 191 9.83 -9.28 -20.01
C ARG B 191 10.56 -7.93 -19.97
N ASP B 192 11.91 -7.97 -19.91
CA ASP B 192 12.80 -6.80 -19.88
C ASP B 192 12.32 -5.72 -18.89
N SER B 193 11.92 -6.13 -17.69
CA SER B 193 11.37 -5.22 -16.68
C SER B 193 12.43 -4.38 -15.98
N ILE B 194 12.17 -3.08 -15.83
CA ILE B 194 13.10 -2.14 -15.20
C ILE B 194 12.51 -1.66 -13.87
N LEU B 195 13.26 -1.83 -12.78
CA LEU B 195 12.86 -1.36 -11.44
C LEU B 195 13.96 -0.44 -10.93
N SER B 196 13.64 0.84 -10.68
CA SER B 196 14.61 1.81 -10.20
C SER B 196 13.94 2.75 -9.17
N PRO B 197 14.53 3.04 -7.99
CA PRO B 197 15.80 2.55 -7.45
C PRO B 197 15.66 1.18 -6.78
N LYS B 198 16.78 0.45 -6.64
CA LYS B 198 16.75 -0.84 -5.97
C LYS B 198 16.73 -0.59 -4.45
N PRO B 199 16.16 -1.49 -3.59
CA PRO B 199 16.21 -1.21 -2.15
C PRO B 199 17.66 -1.20 -1.64
N GLY B 200 17.97 -0.30 -0.70
CA GLY B 200 19.32 -0.19 -0.13
C GLY B 200 19.77 -1.49 0.48
N VAL B 201 18.91 -2.08 1.31
CA VAL B 201 19.05 -3.40 1.92
C VAL B 201 17.78 -4.12 1.47
N HIS B 202 17.92 -5.24 0.75
CA HIS B 202 16.75 -5.96 0.23
C HIS B 202 15.85 -6.49 1.36
N PRO B 203 14.50 -6.52 1.24
CA PRO B 203 13.69 -7.05 2.35
C PRO B 203 13.93 -8.55 2.56
N PRO B 204 14.19 -9.05 3.80
CA PRO B 204 14.40 -10.50 3.96
C PRO B 204 13.10 -11.27 3.72
N VAL B 205 13.20 -12.43 3.05
CA VAL B 205 12.04 -13.24 2.73
C VAL B 205 11.85 -14.33 3.79
N PHE B 206 10.73 -14.27 4.51
CA PHE B 206 10.32 -15.24 5.52
C PHE B 206 9.22 -16.11 4.91
N ALA B 207 9.13 -17.38 5.33
CA ALA B 207 8.10 -18.28 4.80
C ALA B 207 7.75 -19.37 5.80
N GLY B 208 6.50 -19.83 5.75
CA GLY B 208 5.98 -20.88 6.60
C GLY B 208 5.18 -21.87 5.78
N GLY B 209 5.44 -23.15 5.99
CA GLY B 209 4.77 -24.21 5.25
C GLY B 209 5.36 -25.56 5.61
N GLU B 210 4.60 -26.37 6.37
CA GLU B 210 5.07 -27.65 6.88
C GLU B 210 4.97 -28.83 5.90
N SER B 211 4.49 -28.65 4.65
CA SER B 211 4.42 -29.78 3.71
C SER B 211 5.83 -30.26 3.39
N GLU B 212 6.06 -31.59 3.36
CA GLU B 212 7.40 -32.12 3.06
C GLU B 212 7.90 -31.68 1.69
N SER B 213 7.04 -31.70 0.66
CA SER B 213 7.40 -31.25 -0.69
C SER B 213 7.71 -29.74 -0.68
N GLY B 214 6.89 -28.97 0.03
CA GLY B 214 7.07 -27.54 0.16
C GLY B 214 8.30 -27.11 0.95
N ARG B 215 8.79 -27.95 1.87
CA ARG B 215 9.97 -27.63 2.67
C ARG B 215 11.21 -27.41 1.80
N ASP B 216 11.40 -28.21 0.73
CA ASP B 216 12.55 -28.04 -0.17
C ASP B 216 12.45 -26.73 -0.96
N SER B 217 11.24 -26.38 -1.43
CA SER B 217 11.03 -25.14 -2.17
C SER B 217 11.23 -23.91 -1.27
N ILE B 218 10.70 -23.96 -0.03
CA ILE B 218 10.86 -22.85 0.93
C ILE B 218 12.34 -22.66 1.30
N ALA B 219 13.09 -23.75 1.48
CA ALA B 219 14.53 -23.65 1.77
C ALA B 219 15.31 -22.99 0.62
N THR B 220 14.82 -23.11 -0.63
CA THR B 220 15.45 -22.51 -1.80
C THR B 220 15.16 -21.00 -1.92
N PHE B 221 13.87 -20.59 -1.87
CA PHE B 221 13.52 -19.18 -2.08
C PHE B 221 13.62 -18.28 -0.84
N ALA B 222 13.43 -18.79 0.39
CA ALA B 222 13.43 -17.93 1.58
C ALA B 222 14.78 -17.78 2.26
N ASP B 223 14.98 -16.60 2.88
CA ASP B 223 16.18 -16.26 3.65
C ASP B 223 16.00 -16.77 5.10
N SER B 224 14.78 -16.63 5.65
CA SER B 224 14.44 -17.03 7.01
C SER B 224 13.13 -17.84 7.05
N TYR B 225 12.91 -18.58 8.15
CA TYR B 225 11.75 -19.46 8.30
C TYR B 225 10.82 -19.05 9.46
N VAL B 226 9.50 -19.23 9.26
CA VAL B 226 8.45 -18.93 10.24
C VAL B 226 7.82 -20.27 10.62
N LEU B 227 7.55 -20.48 11.92
CA LEU B 227 6.97 -21.72 12.42
C LEU B 227 5.81 -21.42 13.37
N HIS B 228 4.83 -22.31 13.40
CA HIS B 228 3.69 -22.19 14.31
C HIS B 228 4.13 -22.63 15.74
N GLY B 229 3.27 -22.42 16.73
CA GLY B 229 3.59 -22.80 18.10
C GLY B 229 3.87 -24.28 18.27
N GLY B 230 5.00 -24.60 18.88
CA GLY B 230 5.42 -25.98 19.11
C GLY B 230 6.24 -26.14 20.37
N THR B 231 6.54 -27.40 20.72
CA THR B 231 7.33 -27.70 21.92
C THR B 231 8.82 -27.46 21.62
N VAL B 232 9.68 -27.42 22.67
CA VAL B 232 11.11 -27.21 22.48
C VAL B 232 11.75 -28.29 21.57
N GLU B 233 11.31 -29.56 21.67
CA GLU B 233 11.85 -30.62 20.81
C GLU B 233 11.31 -30.50 19.38
N GLU B 234 10.03 -30.14 19.21
CA GLU B 234 9.45 -29.97 17.87
C GLU B 234 10.15 -28.82 17.14
N VAL B 235 10.43 -27.73 17.86
CA VAL B 235 11.12 -26.56 17.29
C VAL B 235 12.59 -26.90 16.97
N ARG B 236 13.31 -27.56 17.91
CA ARG B 236 14.71 -27.95 17.68
C ARG B 236 14.83 -28.86 16.45
N THR B 237 13.95 -29.86 16.33
CA THR B 237 13.95 -30.80 15.21
C THR B 237 13.67 -30.10 13.89
N LYS B 238 12.64 -29.24 13.85
CA LYS B 238 12.28 -28.55 12.62
C LYS B 238 13.30 -27.50 12.18
N ILE B 239 13.95 -26.80 13.13
CA ILE B 239 15.00 -25.83 12.78
C ILE B 239 16.20 -26.59 12.21
N ALA B 240 16.60 -27.70 12.84
CA ALA B 240 17.71 -28.51 12.34
C ALA B 240 17.40 -29.07 10.95
N ASP B 241 16.17 -29.56 10.72
CA ASP B 241 15.76 -30.09 9.42
C ASP B 241 15.84 -29.01 8.34
N MET B 242 15.38 -27.79 8.64
CA MET B 242 15.40 -26.70 7.67
C MET B 242 16.83 -26.29 7.34
N ASN B 243 17.71 -26.20 8.34
CA ASN B 243 19.11 -25.85 8.10
C ASN B 243 19.81 -26.93 7.27
N ALA B 244 19.45 -28.22 7.45
CA ALA B 244 20.02 -29.31 6.68
C ALA B 244 19.60 -29.24 5.22
N ARG B 245 18.35 -28.82 4.96
CA ARG B 245 17.84 -28.66 3.59
C ARG B 245 18.55 -27.47 2.93
N SER B 246 18.65 -26.35 3.66
CA SER B 246 19.33 -25.13 3.18
C SER B 246 20.83 -25.39 2.93
N GLN B 247 21.45 -26.29 3.71
CA GLN B 247 22.87 -26.64 3.55
C GLN B 247 23.07 -27.45 2.27
N ARG B 248 22.12 -28.31 1.89
CA ARG B 248 22.24 -29.11 0.68
C ARG B 248 21.94 -28.28 -0.59
N ILE B 249 21.07 -27.27 -0.48
CA ILE B 249 20.68 -26.43 -1.63
C ILE B 249 21.66 -25.25 -1.84
N HIS B 250 21.87 -24.42 -0.80
CA HIS B 250 22.69 -23.20 -0.88
C HIS B 250 24.03 -23.23 -0.13
N GLN B 251 24.33 -24.32 0.62
CA GLN B 251 25.57 -24.46 1.40
C GLN B 251 25.62 -23.41 2.53
N ARG B 252 24.46 -23.14 3.19
CA ARG B 252 24.37 -22.14 4.27
C ARG B 252 23.17 -22.40 5.18
N ASP B 253 23.23 -21.93 6.43
CA ASP B 253 22.11 -22.02 7.36
C ASP B 253 21.12 -20.87 7.05
N MET B 254 19.85 -21.01 7.48
CA MET B 254 18.87 -19.94 7.27
C MET B 254 19.16 -18.79 8.25
N ALA B 255 18.94 -17.55 7.81
CA ALA B 255 19.27 -16.36 8.61
C ALA B 255 18.53 -16.23 9.96
N GLU B 256 17.19 -16.34 9.98
CA GLU B 256 16.40 -16.20 11.21
C GLU B 256 15.32 -17.28 11.30
N PHE B 257 14.82 -17.53 12.52
CA PHE B 257 13.75 -18.48 12.79
C PHE B 257 12.80 -17.85 13.79
N GLY B 258 11.56 -17.61 13.35
CA GLY B 258 10.52 -16.99 14.17
C GLY B 258 9.41 -17.96 14.50
N MET B 259 8.86 -17.87 15.72
CA MET B 259 7.76 -18.74 16.15
C MET B 259 6.56 -17.91 16.59
N SER B 260 5.38 -18.20 16.03
CA SER B 260 4.13 -17.53 16.42
C SER B 260 3.67 -18.20 17.70
N THR B 261 3.61 -17.44 18.80
CA THR B 261 3.24 -17.98 20.10
C THR B 261 2.45 -16.96 20.92
N TYR B 262 1.64 -17.47 21.86
CA TYR B 262 0.86 -16.65 22.77
C TYR B 262 1.58 -16.66 24.13
N ILE B 263 1.64 -15.50 24.79
CA ILE B 263 2.34 -15.36 26.08
C ILE B 263 1.37 -14.87 27.16
N ILE B 264 1.49 -15.42 28.38
CA ILE B 264 0.73 -14.99 29.56
C ILE B 264 1.75 -14.90 30.70
N VAL B 265 2.10 -13.68 31.11
CA VAL B 265 3.05 -13.46 32.21
C VAL B 265 2.29 -12.74 33.33
N ARG B 266 2.42 -13.22 34.58
CA ARG B 266 1.80 -12.63 35.76
C ARG B 266 2.77 -12.73 36.95
N ASP B 267 2.49 -12.01 38.05
CA ASP B 267 3.34 -12.04 39.25
C ASP B 267 3.44 -13.47 39.82
N THR B 268 2.33 -14.22 39.81
CA THR B 268 2.29 -15.62 40.27
C THR B 268 1.81 -16.56 39.15
N GLU B 269 2.26 -17.82 39.18
CA GLU B 269 1.85 -18.81 38.18
C GLU B 269 0.34 -19.09 38.27
N ALA B 270 -0.25 -19.01 39.48
CA ALA B 270 -1.68 -19.23 39.65
C ALA B 270 -2.48 -18.17 38.90
N GLU B 271 -2.05 -16.89 38.92
CA GLU B 271 -2.73 -15.82 38.18
C GLU B 271 -2.61 -16.07 36.68
N ALA B 272 -1.43 -16.50 36.22
CA ALA B 272 -1.18 -16.80 34.81
C ALA B 272 -2.06 -17.96 34.33
N ARG B 273 -2.18 -19.02 35.16
CA ARG B 273 -2.99 -20.18 34.82
C ARG B 273 -4.50 -19.84 34.91
N ALA B 274 -4.90 -18.89 35.76
CA ALA B 274 -6.30 -18.45 35.82
C ALA B 274 -6.68 -17.72 34.53
N GLU B 275 -5.76 -16.90 34.00
CA GLU B 275 -5.97 -16.17 32.74
C GLU B 275 -6.02 -17.15 31.56
N LEU B 276 -5.24 -18.24 31.60
CA LEU B 276 -5.24 -19.28 30.56
C LEU B 276 -6.64 -19.91 30.51
N ALA B 277 -7.21 -20.25 31.68
CA ALA B 277 -8.55 -20.82 31.77
C ALA B 277 -9.62 -19.86 31.25
N ARG B 278 -9.48 -18.56 31.56
CA ARG B 278 -10.42 -17.53 31.10
C ARG B 278 -10.45 -17.44 29.58
N ILE B 279 -9.28 -17.41 28.92
CA ILE B 279 -9.22 -17.28 27.47
C ILE B 279 -9.58 -18.60 26.75
N THR B 280 -9.42 -19.77 27.40
CA THR B 280 -9.80 -21.05 26.79
C THR B 280 -11.24 -21.48 27.16
N THR B 281 -12.07 -20.56 27.71
CA THR B 281 -13.47 -20.86 28.04
C THR B 281 -14.26 -20.80 26.74
N VAL B 282 -14.59 -21.97 26.16
CA VAL B 282 -15.30 -22.02 24.88
C VAL B 282 -16.73 -21.46 24.99
N ASP B 283 -17.06 -20.54 24.08
CA ASP B 283 -18.38 -19.90 24.00
C ASP B 283 -19.08 -20.58 22.80
N PRO B 284 -20.24 -21.26 22.97
CA PRO B 284 -20.86 -21.93 21.81
C PRO B 284 -21.20 -21.06 20.61
N HIS B 285 -21.57 -19.79 20.84
CA HIS B 285 -21.97 -18.88 19.76
C HIS B 285 -20.84 -17.97 19.25
N SER B 286 -19.56 -18.27 19.56
CA SER B 286 -18.45 -17.43 19.10
C SER B 286 -18.21 -17.56 17.59
N PRO B 287 -18.30 -16.47 16.79
CA PRO B 287 -18.07 -16.61 15.34
C PRO B 287 -16.60 -16.67 14.89
N GLY B 288 -15.67 -16.75 15.83
CA GLY B 288 -14.24 -16.80 15.51
C GLY B 288 -13.79 -18.02 14.72
N TYR B 289 -14.46 -19.17 14.90
CA TYR B 289 -14.12 -20.40 14.21
C TYR B 289 -14.80 -20.56 12.84
N ALA B 290 -15.11 -19.45 12.14
CA ALA B 290 -15.74 -19.52 10.83
C ALA B 290 -14.78 -20.14 9.80
N SER B 291 -13.50 -19.74 9.86
CA SER B 291 -12.47 -20.22 8.96
C SER B 291 -11.77 -21.51 9.43
N PHE B 292 -12.20 -22.13 10.55
CA PHE B 292 -11.55 -23.32 11.06
C PHE B 292 -11.64 -24.53 10.12
N GLU B 293 -12.84 -24.83 9.60
CA GLU B 293 -13.01 -25.99 8.71
C GLU B 293 -12.22 -25.82 7.41
N GLU B 294 -12.21 -24.60 6.86
CA GLU B 294 -11.46 -24.32 5.63
C GLU B 294 -9.95 -24.37 5.90
N PHE B 295 -9.51 -23.97 7.11
CA PHE B 295 -8.09 -24.04 7.49
C PHE B 295 -7.67 -25.50 7.56
N VAL B 296 -8.51 -26.37 8.15
CA VAL B 296 -8.21 -27.80 8.26
C VAL B 296 -8.13 -28.43 6.87
N LYS B 297 -9.07 -28.09 5.98
CA LYS B 297 -9.09 -28.66 4.63
C LYS B 297 -7.93 -28.21 3.74
N ASN B 298 -7.72 -26.90 3.57
CA ASN B 298 -6.76 -26.35 2.62
C ASN B 298 -5.48 -25.76 3.21
N SER B 299 -5.01 -26.12 4.41
CA SER B 299 -3.77 -25.51 4.96
C SER B 299 -2.53 -26.34 4.63
N GLU B 300 -2.68 -27.66 4.48
CA GLU B 300 -1.60 -28.57 4.13
C GLU B 300 -0.44 -28.53 5.16
N LEU B 301 -0.72 -28.95 6.39
CA LEU B 301 0.27 -29.02 7.48
C LEU B 301 0.50 -30.47 7.88
N ASP B 302 1.69 -30.79 8.42
CA ASP B 302 2.05 -32.14 8.84
C ASP B 302 1.02 -32.75 9.80
N VAL B 303 0.60 -31.98 10.82
CA VAL B 303 -0.36 -32.44 11.82
C VAL B 303 -1.63 -31.59 11.66
N GLU B 304 -2.79 -32.24 11.61
CA GLU B 304 -4.07 -31.55 11.48
C GLU B 304 -4.38 -30.81 12.78
N LEU B 305 -5.07 -29.67 12.70
CA LEU B 305 -5.41 -28.87 13.88
C LEU B 305 -6.73 -29.29 14.47
N SER B 306 -6.83 -29.23 15.80
CA SER B 306 -8.08 -29.48 16.52
C SER B 306 -8.74 -28.11 16.84
N LYS B 307 -10.01 -28.10 17.25
CA LYS B 307 -10.71 -26.86 17.56
C LYS B 307 -10.05 -26.13 18.74
N ARG B 308 -9.57 -26.87 19.75
CA ARG B 308 -8.92 -26.29 20.93
C ARG B 308 -7.58 -25.64 20.55
N GLU B 309 -6.84 -26.21 19.60
CA GLU B 309 -5.56 -25.65 19.13
C GLU B 309 -5.73 -24.34 18.32
N TYR B 310 -6.96 -24.06 17.82
CA TYR B 310 -7.27 -22.87 17.05
C TYR B 310 -7.95 -21.80 17.94
N SER B 311 -7.76 -21.84 19.28
CA SER B 311 -8.41 -20.88 20.19
C SER B 311 -7.79 -19.49 20.16
N VAL B 312 -6.44 -19.41 20.19
CA VAL B 312 -5.70 -18.12 20.17
C VAL B 312 -4.93 -17.88 18.85
N GLY B 313 -4.87 -18.87 17.97
CA GLY B 313 -4.14 -18.76 16.70
C GLY B 313 -3.91 -20.13 16.11
N THR B 314 -2.69 -20.42 15.71
CA THR B 314 -2.28 -21.71 15.17
C THR B 314 -1.33 -22.31 16.18
N ARG B 315 -1.88 -23.02 17.18
CA ARG B 315 -1.13 -23.65 18.28
C ARG B 315 -0.34 -22.63 19.11
N GLY B 316 -0.96 -21.48 19.38
CA GLY B 316 -0.33 -20.44 20.17
C GLY B 316 0.00 -20.83 21.60
N LEU B 317 -0.82 -21.71 22.20
CA LEU B 317 -0.61 -22.18 23.57
C LEU B 317 0.23 -23.47 23.64
N ARG B 318 0.63 -24.08 22.50
CA ARG B 318 1.45 -25.28 22.51
C ARG B 318 2.84 -25.03 23.15
N PRO B 319 3.56 -23.89 22.90
CA PRO B 319 4.83 -23.66 23.62
C PRO B 319 4.66 -23.48 25.15
N ASP B 320 3.45 -23.16 25.62
CA ASP B 320 3.09 -22.97 27.02
C ASP B 320 3.96 -21.93 27.74
N LEU B 321 4.04 -20.72 27.16
CA LEU B 321 4.80 -19.64 27.79
C LEU B 321 3.84 -18.93 28.76
N VAL B 322 3.32 -19.69 29.74
CA VAL B 322 2.36 -19.23 30.74
C VAL B 322 2.98 -19.41 32.12
N GLY B 323 3.16 -18.32 32.84
CA GLY B 323 3.73 -18.38 34.19
C GLY B 323 4.29 -17.06 34.66
N THR B 324 5.21 -17.13 35.62
CA THR B 324 5.88 -15.94 36.16
C THR B 324 6.92 -15.45 35.14
N PRO B 325 7.46 -14.20 35.24
CA PRO B 325 8.49 -13.78 34.28
C PRO B 325 9.71 -14.70 34.25
N GLU B 326 10.13 -15.21 35.43
CA GLU B 326 11.26 -16.13 35.53
C GLU B 326 10.99 -17.43 34.77
N GLN B 327 9.81 -18.01 34.96
CA GLN B 327 9.44 -19.27 34.31
C GLN B 327 9.36 -19.11 32.79
N VAL B 328 8.74 -18.01 32.33
CA VAL B 328 8.57 -17.76 30.91
C VAL B 328 9.95 -17.49 30.28
N ALA B 329 10.81 -16.72 30.96
CA ALA B 329 12.17 -16.45 30.47
C ALA B 329 12.97 -17.74 30.34
N GLU B 330 12.83 -18.66 31.31
CA GLU B 330 13.52 -19.94 31.27
C GLU B 330 13.10 -20.74 30.03
N LYS B 331 11.80 -20.73 29.71
CA LYS B 331 11.28 -21.43 28.53
C LYS B 331 11.79 -20.74 27.25
N ILE B 332 11.80 -19.41 27.20
CA ILE B 332 12.32 -18.67 26.04
C ILE B 332 13.80 -19.01 25.80
N ARG B 333 14.61 -19.06 26.87
CA ARG B 333 16.02 -19.41 26.78
C ARG B 333 16.25 -20.82 26.20
N ALA B 334 15.34 -21.77 26.47
CA ALA B 334 15.44 -23.13 25.92
C ALA B 334 15.18 -23.11 24.40
N TYR B 335 14.26 -22.24 23.94
CA TYR B 335 14.00 -22.09 22.49
C TYR B 335 15.20 -21.43 21.81
N GLN B 336 15.87 -20.49 22.48
CA GLN B 336 17.07 -19.85 21.95
C GLN B 336 18.18 -20.89 21.75
N ASP B 337 18.35 -21.83 22.70
CA ASP B 337 19.35 -22.90 22.59
C ASP B 337 18.96 -23.93 21.54
N ALA B 338 17.65 -24.16 21.33
CA ALA B 338 17.14 -25.06 20.29
C ALA B 338 17.37 -24.54 18.86
N GLY B 339 17.66 -23.24 18.70
CA GLY B 339 17.92 -22.61 17.41
C GLY B 339 17.03 -21.43 17.06
N LEU B 340 16.06 -21.07 17.93
CA LEU B 340 15.13 -19.97 17.65
C LEU B 340 15.80 -18.63 17.94
N THR B 341 15.65 -17.67 17.01
CA THR B 341 16.22 -16.33 17.11
C THR B 341 15.17 -15.23 17.25
N LEU B 342 13.88 -15.52 17.01
CA LEU B 342 12.84 -14.49 17.07
C LEU B 342 11.53 -15.08 17.56
N LEU B 343 10.79 -14.30 18.37
CA LEU B 343 9.47 -14.66 18.87
C LEU B 343 8.46 -13.73 18.20
N LEU B 344 7.27 -14.22 17.90
CA LEU B 344 6.20 -13.40 17.32
C LEU B 344 5.02 -13.58 18.27
N ILE B 345 5.06 -12.78 19.36
CA ILE B 345 4.15 -12.85 20.50
C ILE B 345 2.74 -12.31 20.21
N GLN B 346 1.70 -13.05 20.65
CA GLN B 346 0.31 -12.65 20.54
C GLN B 346 -0.15 -12.33 21.98
N CYS B 347 -0.70 -11.13 22.21
CA CYS B 347 -1.09 -10.62 23.54
C CYS B 347 -2.56 -10.20 23.63
N SER B 348 -3.06 -9.97 24.86
CA SER B 348 -4.43 -9.48 25.07
C SER B 348 -4.61 -8.93 26.50
N PRO B 349 -4.71 -7.59 26.78
CA PRO B 349 -4.56 -6.44 25.88
C PRO B 349 -3.08 -6.18 25.58
N ALA B 350 -2.71 -6.13 24.29
CA ALA B 350 -1.32 -5.95 23.88
C ALA B 350 -0.65 -4.68 24.41
N HIS B 351 -1.39 -3.58 24.56
CA HIS B 351 -0.81 -2.34 25.08
C HIS B 351 -0.28 -2.49 26.52
N GLU B 352 -0.97 -3.28 27.35
CA GLU B 352 -0.53 -3.51 28.73
C GLU B 352 0.44 -4.69 28.80
N GLU B 353 0.13 -5.78 28.09
CA GLU B 353 0.93 -7.00 28.14
C GLU B 353 2.31 -6.86 27.51
N LEU B 354 2.42 -6.16 26.36
CA LEU B 354 3.74 -5.96 25.73
C LEU B 354 4.64 -5.08 26.59
N GLU B 355 4.08 -4.12 27.36
CA GLU B 355 4.86 -3.29 28.27
C GLU B 355 5.37 -4.14 29.44
N ARG B 356 4.50 -5.03 29.97
CA ARG B 356 4.85 -5.94 31.08
C ARG B 356 6.01 -6.87 30.69
N ILE B 357 5.97 -7.42 29.45
CA ILE B 357 7.01 -8.33 28.93
C ILE B 357 8.34 -7.55 28.81
N ALA B 358 8.30 -6.35 28.24
CA ALA B 358 9.48 -5.51 28.11
C ALA B 358 10.14 -5.21 29.46
N GLU B 359 9.35 -4.94 30.50
CA GLU B 359 9.87 -4.62 31.82
C GLU B 359 10.38 -5.84 32.58
N GLN B 360 9.60 -6.94 32.58
CA GLN B 360 9.90 -8.13 33.39
C GLN B 360 10.68 -9.26 32.70
N VAL B 361 10.35 -9.62 31.45
CA VAL B 361 10.98 -10.75 30.76
C VAL B 361 12.23 -10.36 29.93
N PHE B 362 12.19 -9.22 29.22
CA PHE B 362 13.32 -8.76 28.40
C PHE B 362 14.70 -8.79 29.13
N PRO B 363 14.88 -8.26 30.37
CA PRO B 363 16.22 -8.32 31.00
C PRO B 363 16.68 -9.74 31.32
N LEU B 364 15.74 -10.63 31.66
CA LEU B 364 16.06 -12.02 32.01
C LEU B 364 16.49 -12.86 30.79
N VAL B 365 16.11 -12.46 29.57
CA VAL B 365 16.50 -13.16 28.35
C VAL B 365 17.59 -12.32 27.65
N PRO B 366 18.89 -12.67 27.74
CA PRO B 366 19.91 -11.84 27.08
C PRO B 366 19.95 -12.01 25.56
#